data_9JVR
#
_entry.id   9JVR
#
_cell.length_a   51.698
_cell.length_b   65.798
_cell.length_c   88.491
_cell.angle_alpha   70.305
_cell.angle_beta   89.843
_cell.angle_gamma   74.356
#
_symmetry.space_group_name_H-M   'P 1'
#
loop_
_entity.id
_entity.type
_entity.pdbx_description
1 polymer 'De novo designed 1GFL-15'
2 water water
#
_entity_poly.entity_id   1
_entity_poly.type   'polypeptide(L)'
_entity_poly.pdbx_seq_one_letter_code
;MAYPGEELFTGVVPILVELDGDVNGHKFSVSGEGEGDARTGKLTLKFICTTGKLPVPWPTLVTTF(GYS)VQCFSHYPDH
MRRHDFFKSAMPEGYRQERTIVFKDDGNYKTRAEVKFEGDTLANRIELVGSDFKEDGWIMGHKLKFNYNSHNVYIMPDKQ
KNGISVVFKIRLDLEDGGVLLADHYQQNVPLGKGPVLLPDPHYLSTQSVLSKDTNEKRDHMVLLEFVTAAGLPLEHHHHH
H
;
_entity_poly.pdbx_strand_id   A,B,C,D
#
# COMPACT_ATOMS: atom_id res chain seq x y z
N ALA A 2 -14.63 -12.20 29.32
CA ALA A 2 -13.93 -10.93 29.13
C ALA A 2 -14.25 -9.96 30.26
N TYR A 3 -13.19 -9.43 30.89
CA TYR A 3 -13.35 -8.48 31.98
C TYR A 3 -13.77 -7.12 31.43
N PRO A 4 -14.58 -6.37 32.19
CA PRO A 4 -15.19 -5.14 31.65
C PRO A 4 -14.20 -4.15 31.06
N GLY A 5 -13.06 -3.91 31.73
CA GLY A 5 -12.11 -2.95 31.22
C GLY A 5 -11.32 -3.41 30.02
N GLU A 6 -11.40 -4.69 29.68
CA GLU A 6 -10.57 -5.25 28.62
C GLU A 6 -11.05 -4.87 27.22
N GLU A 7 -12.37 -4.66 27.05
CA GLU A 7 -12.90 -4.36 25.73
C GLU A 7 -12.40 -3.03 25.18
N LEU A 8 -11.85 -2.17 26.04
CA LEU A 8 -11.36 -0.86 25.62
C LEU A 8 -9.99 -0.92 24.95
N PHE A 9 -9.35 -2.09 24.86
CA PHE A 9 -8.00 -2.20 24.32
C PHE A 9 -7.90 -3.22 23.20
N THR A 10 -9.02 -3.64 22.62
CA THR A 10 -8.99 -4.66 21.57
C THR A 10 -8.37 -4.13 20.27
N GLY A 11 -8.27 -2.81 20.12
CA GLY A 11 -7.62 -2.23 18.96
C GLY A 11 -6.64 -1.15 19.36
N VAL A 12 -6.13 -0.40 18.37
CA VAL A 12 -5.22 0.69 18.66
C VAL A 12 -5.96 1.76 19.45
N VAL A 13 -5.30 2.32 20.45
CA VAL A 13 -5.89 3.34 21.32
C VAL A 13 -4.98 4.56 21.30
N PRO A 14 -5.48 5.75 20.97
CA PRO A 14 -4.64 6.95 21.05
C PRO A 14 -4.24 7.22 22.50
N ILE A 15 -3.07 7.84 22.66
CA ILE A 15 -2.51 8.10 23.98
C ILE A 15 -2.10 9.57 24.07
N LEU A 16 -2.44 10.19 25.19
CA LEU A 16 -2.03 11.55 25.52
C LEU A 16 -1.14 11.50 26.75
N VAL A 17 -0.08 12.31 26.75
CA VAL A 17 0.85 12.40 27.87
C VAL A 17 1.13 13.87 28.15
N GLU A 18 0.90 14.29 29.39
CA GLU A 18 1.16 15.66 29.83
C GLU A 18 1.87 15.61 31.17
N LEU A 19 3.07 16.17 31.23
CA LEU A 19 3.89 16.12 32.44
C LEU A 19 4.36 17.51 32.82
N ASP A 20 4.15 17.88 34.08
CA ASP A 20 4.73 19.08 34.66
C ASP A 20 5.83 18.64 35.63
N GLY A 21 7.05 19.12 35.40
CA GLY A 21 8.17 18.71 36.21
C GLY A 21 8.88 19.84 36.94
N ASP A 22 9.62 19.49 37.99
CA ASP A 22 10.41 20.46 38.74
C ASP A 22 11.56 19.70 39.39
N VAL A 23 12.71 19.69 38.74
CA VAL A 23 13.90 18.99 39.22
C VAL A 23 14.91 20.05 39.64
N ASN A 24 15.21 20.10 40.94
CA ASN A 24 16.20 21.02 41.50
C ASN A 24 15.88 22.48 41.15
N GLY A 25 14.59 22.82 41.18
CA GLY A 25 14.15 24.15 40.84
C GLY A 25 14.02 24.43 39.37
N HIS A 26 14.51 23.55 38.51
CA HIS A 26 14.38 23.72 37.06
C HIS A 26 13.00 23.24 36.63
N LYS A 27 12.15 24.17 36.20
CA LYS A 27 10.79 23.85 35.81
C LYS A 27 10.74 23.55 34.31
N PHE A 28 9.86 22.60 33.93
CA PHE A 28 9.71 22.21 32.55
C PHE A 28 8.37 21.49 32.38
N SER A 29 7.87 21.50 31.15
CA SER A 29 6.65 20.80 30.79
C SER A 29 6.87 20.02 29.51
N VAL A 30 6.38 18.78 29.48
CA VAL A 30 6.53 17.89 28.34
C VAL A 30 5.15 17.48 27.86
N SER A 31 4.92 17.58 26.56
CA SER A 31 3.72 17.04 25.92
C SER A 31 4.09 15.83 25.09
N GLY A 32 3.28 14.79 25.17
CA GLY A 32 3.54 13.55 24.46
C GLY A 32 2.29 13.00 23.83
N GLU A 33 2.47 12.28 22.73
CA GLU A 33 1.36 11.73 21.98
C GLU A 33 1.80 10.48 21.25
N GLY A 34 0.84 9.62 20.93
CA GLY A 34 1.14 8.38 20.22
C GLY A 34 -0.06 7.45 20.22
N GLU A 35 0.25 6.16 20.27
CA GLU A 35 -0.79 5.13 20.25
C GLU A 35 -0.28 3.88 20.94
N GLY A 36 -1.22 3.07 21.42
CA GLY A 36 -0.89 1.83 22.08
C GLY A 36 -1.74 0.69 21.55
N ASP A 37 -1.12 -0.49 21.51
CA ASP A 37 -1.76 -1.71 21.00
C ASP A 37 -1.49 -2.85 21.97
N ALA A 38 -2.47 -3.15 22.82
CA ALA A 38 -2.32 -4.16 23.86
C ALA A 38 -2.34 -5.59 23.32
N ARG A 39 -2.79 -5.80 22.08
CA ARG A 39 -2.71 -7.13 21.49
C ARG A 39 -1.27 -7.58 21.35
N THR A 40 -0.36 -6.64 21.06
CA THR A 40 1.05 -6.92 20.93
C THR A 40 1.90 -6.24 22.00
N GLY A 41 1.28 -5.49 22.90
CA GLY A 41 2.04 -4.73 23.89
C GLY A 41 2.92 -3.67 23.28
N LYS A 42 2.56 -3.19 22.09
CA LYS A 42 3.37 -2.21 21.36
C LYS A 42 3.00 -0.80 21.79
N LEU A 43 4.01 0.05 21.90
CA LEU A 43 3.83 1.45 22.24
C LEU A 43 4.73 2.30 21.36
N THR A 44 4.17 3.38 20.80
CA THR A 44 4.94 4.35 20.02
C THR A 44 4.50 5.73 20.48
N LEU A 45 5.40 6.47 21.10
CA LEU A 45 5.07 7.79 21.63
C LEU A 45 6.17 8.79 21.27
N LYS A 46 5.77 10.03 21.04
CA LYS A 46 6.69 11.14 20.82
C LYS A 46 6.40 12.21 21.86
N PHE A 47 7.46 12.65 22.54
CA PHE A 47 7.35 13.66 23.60
C PHE A 47 8.11 14.89 23.19
N ILE A 48 7.51 16.06 23.43
CA ILE A 48 8.11 17.35 23.11
C ILE A 48 8.21 18.18 24.38
N CYS A 49 9.41 18.66 24.68
CA CYS A 49 9.58 19.62 25.77
C CYS A 49 9.02 20.96 25.33
N THR A 50 7.95 21.41 25.99
CA THR A 50 7.26 22.63 25.58
C THR A 50 8.02 23.89 26.01
N THR A 51 8.63 23.86 27.20
CA THR A 51 9.30 25.03 27.75
C THR A 51 10.69 25.25 27.17
N GLY A 52 11.10 24.48 26.17
CA GLY A 52 12.42 24.66 25.59
C GLY A 52 13.31 23.44 25.75
N LYS A 53 14.49 23.63 26.35
CA LYS A 53 15.45 22.55 26.51
C LYS A 53 15.19 21.81 27.82
N LEU A 54 15.09 20.49 27.73
CA LEU A 54 14.86 19.67 28.92
C LEU A 54 16.06 19.77 29.85
N PRO A 55 15.85 20.04 31.15
CA PRO A 55 16.99 20.14 32.07
C PRO A 55 17.48 18.80 32.60
N VAL A 56 16.71 17.73 32.47
CA VAL A 56 17.17 16.40 32.83
C VAL A 56 17.28 15.58 31.54
N PRO A 57 18.03 14.48 31.53
CA PRO A 57 18.09 13.66 30.30
C PRO A 57 16.77 12.94 30.04
N TRP A 58 16.42 12.86 28.77
CA TRP A 58 15.24 12.10 28.35
C TRP A 58 15.20 10.67 28.89
N PRO A 59 16.29 9.90 28.90
CA PRO A 59 16.17 8.50 29.39
C PRO A 59 15.66 8.38 30.81
N THR A 60 15.78 9.42 31.63
CA THR A 60 15.34 9.31 33.02
C THR A 60 13.83 9.45 33.18
N LEU A 61 13.09 9.73 32.11
CA LEU A 61 11.68 10.06 32.21
C LEU A 61 10.75 9.07 31.51
N VAL A 62 11.28 8.04 30.85
CA VAL A 62 10.46 7.10 30.09
C VAL A 62 9.39 6.46 30.98
N THR A 63 9.84 5.86 32.08
CA THR A 63 8.94 5.15 32.97
C THR A 63 7.89 6.07 33.56
N THR A 64 8.27 7.33 33.85
CA THR A 64 7.26 8.33 34.15
C THR A 64 6.37 8.55 32.93
N PHE A 65 6.99 8.71 31.76
CA PHE A 65 6.26 8.72 30.51
C PHE A 65 5.62 7.36 30.28
N1 GYS A 66 6.91 6.62 30.44
OG1 GYS A 66 6.38 3.60 28.69
CB1 GYS A 66 6.18 5.02 28.66
CA1 GYS A 66 5.92 5.57 30.06
C1 GYS A 66 5.86 4.48 31.07
N2 GYS A 66 6.83 3.52 31.24
N3 GYS A 66 4.83 4.35 31.97
C2 GYS A 66 5.14 3.30 32.71
O2 GYS A 66 4.38 2.82 33.71
CA2 GYS A 66 6.41 2.74 32.26
CA3 GYS A 66 3.64 5.18 32.10
CB2 GYS A 66 7.14 1.56 32.80
CG2 GYS A 66 8.43 1.01 32.37
CD1 GYS A 66 9.08 1.26 31.16
CD2 GYS A 66 9.04 0.17 33.30
CE1 GYS A 66 10.32 0.66 30.89
CE2 GYS A 66 10.26 -0.43 33.02
CZ GYS A 66 10.92 -0.18 31.82
OH GYS A 66 12.13 -0.80 31.61
C3 GYS A 66 2.38 4.37 31.98
O3 GYS A 66 1.30 4.94 32.29
N VAL A 67 2.43 3.69 30.68
CA VAL A 67 1.04 3.39 30.37
C VAL A 67 0.86 1.88 30.35
N GLN A 68 1.06 1.25 31.51
CA GLN A 68 1.10 -0.20 31.62
C GLN A 68 -0.24 -0.87 31.30
N CYS A 69 -1.31 -0.10 31.09
CA CYS A 69 -2.56 -0.68 30.62
C CYS A 69 -2.47 -1.19 29.20
N PHE A 70 -1.35 -0.94 28.52
CA PHE A 70 -1.11 -1.44 27.18
C PHE A 70 -0.16 -2.64 27.17
N SER A 71 0.29 -3.10 28.34
CA SER A 71 1.04 -4.34 28.41
C SER A 71 0.19 -5.49 27.90
N HIS A 72 0.77 -6.36 27.09
CA HIS A 72 0.05 -7.52 26.60
C HIS A 72 -0.01 -8.58 27.70
N TYR A 73 -1.23 -8.94 28.10
CA TYR A 73 -1.43 -10.01 29.06
C TYR A 73 -1.88 -11.26 28.33
N PRO A 74 -1.09 -12.33 28.31
CA PRO A 74 -1.51 -13.55 27.60
C PRO A 74 -2.84 -14.08 28.11
N ASP A 75 -3.41 -15.01 27.34
CA ASP A 75 -4.79 -15.44 27.54
C ASP A 75 -5.04 -15.89 28.99
N HIS A 76 -4.27 -16.85 29.46
CA HIS A 76 -4.50 -17.44 30.77
C HIS A 76 -3.83 -16.67 31.90
N MET A 77 -3.42 -15.43 31.65
CA MET A 77 -2.92 -14.54 32.68
C MET A 77 -3.72 -13.25 32.74
N ARG A 78 -4.96 -13.26 32.22
CA ARG A 78 -5.75 -12.05 32.10
C ARG A 78 -6.40 -11.63 33.40
N ARG A 79 -6.62 -12.55 34.33
CA ARG A 79 -7.13 -12.21 35.65
C ARG A 79 -6.12 -11.46 36.49
N HIS A 80 -4.93 -11.18 35.97
CA HIS A 80 -3.89 -10.44 36.68
C HIS A 80 -3.71 -9.03 36.13
N ASP A 81 -4.60 -8.58 35.25
CA ASP A 81 -4.47 -7.27 34.60
C ASP A 81 -5.25 -6.25 35.43
N PHE A 82 -4.59 -5.69 36.44
CA PHE A 82 -5.21 -4.62 37.21
C PHE A 82 -5.34 -3.34 36.39
N PHE A 83 -4.35 -3.08 35.53
CA PHE A 83 -4.33 -1.83 34.77
C PHE A 83 -5.58 -1.67 33.92
N LYS A 84 -5.96 -2.73 33.20
CA LYS A 84 -7.15 -2.65 32.35
C LYS A 84 -8.43 -2.70 33.17
N SER A 85 -8.45 -3.43 34.28
CA SER A 85 -9.67 -3.53 35.08
C SER A 85 -10.02 -2.22 35.77
N ALA A 86 -9.04 -1.32 35.94
CA ALA A 86 -9.35 0.00 36.48
C ALA A 86 -10.00 0.90 35.44
N MET A 87 -9.87 0.57 34.16
CA MET A 87 -10.44 1.39 33.11
C MET A 87 -11.95 1.21 33.05
N PRO A 88 -12.68 2.21 32.52
CA PRO A 88 -12.20 3.50 32.00
C PRO A 88 -11.90 4.55 33.07
N GLU A 89 -12.39 4.34 34.29
CA GLU A 89 -12.23 5.35 35.33
C GLU A 89 -10.76 5.60 35.64
N GLY A 90 -9.91 4.60 35.43
CA GLY A 90 -8.47 4.80 35.54
C GLY A 90 -7.93 4.52 36.93
N TYR A 91 -6.62 4.71 37.05
CA TYR A 91 -5.90 4.46 38.29
C TYR A 91 -4.91 5.57 38.55
N ARG A 92 -4.56 5.75 39.82
CA ARG A 92 -3.47 6.63 40.21
C ARG A 92 -2.17 5.85 40.19
N GLN A 93 -1.10 6.51 39.76
CA GLN A 93 0.23 5.89 39.71
C GLN A 93 1.22 6.85 40.34
N GLU A 94 1.64 6.55 41.56
CA GLU A 94 2.65 7.31 42.28
C GLU A 94 3.96 6.54 42.26
N ARG A 95 5.07 7.27 42.23
CA ARG A 95 6.37 6.64 42.12
C ARG A 95 7.41 7.42 42.90
N THR A 96 8.42 6.69 43.39
CA THR A 96 9.66 7.27 43.91
C THR A 96 10.80 6.59 43.18
N ILE A 97 11.52 7.36 42.37
CA ILE A 97 12.64 6.85 41.59
C ILE A 97 13.93 7.32 42.25
N VAL A 98 14.63 6.41 42.90
CA VAL A 98 15.91 6.74 43.54
C VAL A 98 17.03 6.44 42.55
N PHE A 99 17.79 7.48 42.19
CA PHE A 99 18.99 7.32 41.38
C PHE A 99 20.18 7.17 42.33
N LYS A 100 20.89 6.04 42.21
CA LYS A 100 21.91 5.69 43.18
C LYS A 100 22.98 6.77 43.28
N ASP A 101 23.32 7.13 44.52
CA ASP A 101 24.31 8.17 44.81
C ASP A 101 23.97 9.46 44.08
N ASP A 102 22.68 9.75 43.96
CA ASP A 102 22.22 10.95 43.28
C ASP A 102 20.82 11.29 43.76
N GLY A 103 20.11 12.13 43.01
CA GLY A 103 18.80 12.61 43.41
C GLY A 103 17.72 11.57 43.24
N ASN A 104 16.48 12.03 43.38
CA ASN A 104 15.32 11.17 43.29
C ASN A 104 14.16 11.93 42.64
N TYR A 105 13.25 11.16 42.06
CA TYR A 105 12.03 11.70 41.45
C TYR A 105 10.84 11.35 42.33
N LYS A 106 9.90 12.27 42.42
CA LYS A 106 8.59 12.01 43.01
C LYS A 106 7.55 12.34 41.96
N THR A 107 6.77 11.33 41.57
CA THR A 107 5.79 11.46 40.51
C THR A 107 4.39 11.09 41.01
N ARG A 108 3.39 11.77 40.46
CA ARG A 108 2.00 11.47 40.73
C ARG A 108 1.26 11.49 39.40
N ALA A 109 0.71 10.35 39.00
CA ALA A 109 0.08 10.21 37.69
C ALA A 109 -1.36 9.75 37.83
N GLU A 110 -2.23 10.29 36.98
CA GLU A 110 -3.62 9.88 36.90
C GLU A 110 -3.86 9.35 35.48
N VAL A 111 -3.74 8.05 35.31
CA VAL A 111 -3.95 7.40 34.02
C VAL A 111 -5.42 7.03 33.91
N LYS A 112 -6.09 7.53 32.88
CA LYS A 112 -7.52 7.28 32.71
C LYS A 112 -7.90 7.55 31.27
N PHE A 113 -9.16 7.25 30.95
CA PHE A 113 -9.72 7.50 29.63
C PHE A 113 -10.39 8.87 29.62
N GLU A 114 -10.03 9.69 28.65
CA GLU A 114 -10.66 10.98 28.40
C GLU A 114 -11.26 10.89 27.00
N GLY A 115 -12.54 10.53 26.93
CA GLY A 115 -13.13 10.20 25.65
C GLY A 115 -12.58 8.87 25.18
N ASP A 116 -12.17 8.82 23.91
CA ASP A 116 -11.58 7.62 23.33
C ASP A 116 -10.05 7.62 23.42
N THR A 117 -9.46 8.61 24.09
CA THR A 117 -8.02 8.73 24.25
C THR A 117 -7.65 8.48 25.70
N LEU A 118 -6.72 7.55 25.93
CA LEU A 118 -6.20 7.30 27.27
C LEU A 118 -5.11 8.31 27.59
N ALA A 119 -5.37 9.16 28.58
CA ALA A 119 -4.47 10.26 28.92
C ALA A 119 -3.70 9.95 30.21
N ASN A 120 -2.41 10.25 30.20
CA ASN A 120 -1.53 10.06 31.35
C ASN A 120 -1.00 11.42 31.75
N ARG A 121 -1.66 12.05 32.72
CA ARG A 121 -1.28 13.38 33.21
C ARG A 121 -0.48 13.24 34.50
N ILE A 122 0.78 13.67 34.47
CA ILE A 122 1.71 13.41 35.55
C ILE A 122 2.22 14.73 36.13
N GLU A 123 2.60 14.69 37.40
CA GLU A 123 3.32 15.77 38.07
C GLU A 123 4.59 15.18 38.67
N LEU A 124 5.72 15.81 38.43
CA LEU A 124 7.02 15.30 38.84
C LEU A 124 7.78 16.34 39.64
N VAL A 125 8.43 15.89 40.71
CA VAL A 125 9.32 16.73 41.50
C VAL A 125 10.61 15.95 41.74
N GLY A 126 11.73 16.57 41.40
CA GLY A 126 13.05 15.96 41.62
C GLY A 126 13.88 16.85 42.52
N SER A 127 14.62 16.22 43.44
CA SER A 127 15.41 16.96 44.41
C SER A 127 16.66 16.16 44.75
N ASP A 128 17.60 16.84 45.42
CA ASP A 128 18.86 16.27 45.90
C ASP A 128 19.75 15.77 44.76
N PHE A 129 19.58 16.32 43.56
CA PHE A 129 20.42 15.96 42.43
C PHE A 129 21.69 16.79 42.44
N LYS A 130 22.80 16.17 42.01
CA LYS A 130 24.09 16.84 41.96
C LYS A 130 24.23 17.57 40.64
N GLU A 131 24.29 18.90 40.69
CA GLU A 131 24.37 19.69 39.47
C GLU A 131 25.64 19.45 38.69
N ASP A 132 26.68 18.92 39.34
CA ASP A 132 27.93 18.60 38.67
C ASP A 132 28.17 17.10 38.55
N GLY A 133 27.16 16.29 38.86
CA GLY A 133 27.30 14.85 38.82
C GLY A 133 27.27 14.27 37.42
N TRP A 134 26.56 13.15 37.25
CA TRP A 134 26.47 12.49 35.96
C TRP A 134 25.09 12.58 35.31
N ILE A 135 24.06 12.94 36.07
CA ILE A 135 22.71 13.03 35.52
C ILE A 135 22.42 14.41 34.96
N MET A 136 22.69 15.46 35.74
CA MET A 136 22.39 16.82 35.30
C MET A 136 23.19 17.20 34.06
N GLY A 137 24.37 16.61 33.89
CA GLY A 137 25.20 16.89 32.74
C GLY A 137 24.79 16.20 31.46
N HIS A 138 23.74 15.39 31.50
CA HIS A 138 23.17 14.72 30.32
C HIS A 138 24.16 13.73 29.70
N LYS A 139 24.80 12.93 30.55
CA LYS A 139 25.67 11.86 30.06
C LYS A 139 25.02 10.50 30.31
N LEU A 140 23.88 10.25 29.69
CA LEU A 140 23.10 9.05 29.95
C LEU A 140 22.59 8.44 28.65
N LYS A 141 22.57 7.10 28.60
CA LYS A 141 21.98 6.36 27.51
C LYS A 141 21.03 5.31 28.08
N PHE A 142 20.00 4.97 27.29
CA PHE A 142 18.96 4.06 27.73
C PHE A 142 19.34 2.61 27.49
N ASN A 143 18.69 1.72 28.24
CA ASN A 143 18.85 0.28 28.07
C ASN A 143 17.78 -0.24 27.12
N TYR A 144 18.20 -0.75 25.97
CA TYR A 144 17.29 -1.28 24.97
C TYR A 144 17.03 -2.77 25.13
N ASN A 145 17.74 -3.44 26.04
CA ASN A 145 17.51 -4.86 26.27
C ASN A 145 16.32 -5.08 27.20
N SER A 146 15.80 -6.30 27.17
CA SER A 146 14.64 -6.62 27.99
C SER A 146 15.00 -6.64 29.47
N HIS A 147 14.11 -6.08 30.29
CA HIS A 147 14.27 -6.09 31.74
C HIS A 147 12.90 -6.31 32.37
N ASN A 148 12.91 -6.76 33.63
CA ASN A 148 11.71 -7.23 34.29
C ASN A 148 11.12 -6.17 35.23
N VAL A 149 9.80 -6.09 35.26
CA VAL A 149 9.05 -5.16 36.10
C VAL A 149 8.15 -6.01 36.99
N TYR A 150 8.44 -6.04 38.29
CA TYR A 150 7.75 -6.94 39.20
C TYR A 150 6.52 -6.28 39.81
N ILE A 151 5.41 -7.01 39.83
CA ILE A 151 4.12 -6.52 40.29
C ILE A 151 3.61 -7.45 41.38
N MET A 152 2.87 -6.87 42.33
CA MET A 152 2.29 -7.64 43.42
C MET A 152 1.01 -6.95 43.87
N PRO A 153 0.01 -7.71 44.31
CA PRO A 153 -1.23 -7.09 44.79
C PRO A 153 -1.01 -6.34 46.08
N ASP A 154 -1.81 -5.29 46.26
CA ASP A 154 -1.91 -4.56 47.52
C ASP A 154 -3.36 -4.68 47.98
N LYS A 155 -3.62 -5.68 48.83
CA LYS A 155 -4.99 -5.93 49.29
C LYS A 155 -5.57 -4.73 50.00
N GLN A 156 -4.80 -4.13 50.93
CA GLN A 156 -5.33 -3.05 51.74
C GLN A 156 -5.73 -1.84 50.90
N LYS A 157 -4.85 -1.44 49.97
CA LYS A 157 -5.16 -0.30 49.10
C LYS A 157 -5.99 -0.70 47.89
N ASN A 158 -6.36 -1.97 47.76
CA ASN A 158 -7.15 -2.46 46.63
C ASN A 158 -6.47 -2.13 45.30
N GLY A 159 -5.16 -2.26 45.26
CA GLY A 159 -4.38 -1.96 44.06
C GLY A 159 -3.19 -2.88 43.96
N ILE A 160 -2.10 -2.35 43.41
CA ILE A 160 -0.88 -3.12 43.21
C ILE A 160 0.32 -2.28 43.61
N SER A 161 1.36 -2.95 44.10
CA SER A 161 2.68 -2.36 44.25
C SER A 161 3.58 -2.90 43.16
N VAL A 162 4.46 -2.05 42.63
CA VAL A 162 5.33 -2.37 41.51
C VAL A 162 6.73 -1.88 41.84
N VAL A 163 7.71 -2.78 41.76
CA VAL A 163 9.11 -2.46 42.03
C VAL A 163 9.96 -3.02 40.91
N PHE A 164 10.96 -2.25 40.47
CA PHE A 164 11.88 -2.73 39.45
C PHE A 164 13.10 -1.82 39.43
N LYS A 165 14.17 -2.34 38.82
CA LYS A 165 15.42 -1.63 38.64
C LYS A 165 15.59 -1.28 37.18
N ILE A 166 16.42 -0.26 36.92
CA ILE A 166 16.70 0.18 35.55
C ILE A 166 18.15 0.63 35.48
N ARG A 167 18.86 0.15 34.46
CA ARG A 167 20.25 0.55 34.24
C ARG A 167 20.29 1.67 33.20
N LEU A 168 21.12 2.67 33.48
CA LEU A 168 21.34 3.79 32.58
C LEU A 168 22.83 3.86 32.27
N ASP A 169 23.16 3.97 30.99
CA ASP A 169 24.55 3.88 30.53
C ASP A 169 25.12 5.28 30.40
N LEU A 170 26.22 5.54 31.11
CA LEU A 170 26.88 6.83 31.08
C LEU A 170 27.96 6.85 29.98
N GLU A 171 28.29 8.06 29.53
CA GLU A 171 29.23 8.19 28.42
C GLU A 171 30.65 7.81 28.80
N ASP A 172 30.95 7.72 30.10
CA ASP A 172 32.25 7.21 30.54
C ASP A 172 32.32 5.69 30.49
N GLY A 173 31.25 5.02 30.09
CA GLY A 173 31.17 3.58 30.14
C GLY A 173 30.52 3.02 31.39
N GLY A 174 30.25 3.86 32.38
CA GLY A 174 29.66 3.40 33.62
C GLY A 174 28.16 3.19 33.52
N VAL A 175 27.63 2.51 34.52
CA VAL A 175 26.22 2.15 34.59
C VAL A 175 25.62 2.76 35.85
N LEU A 176 24.45 3.38 35.72
CA LEU A 176 23.76 4.03 36.82
C LEU A 176 22.44 3.30 37.07
N LEU A 177 22.27 2.78 38.28
CA LEU A 177 21.05 2.07 38.65
C LEU A 177 20.02 3.07 39.19
N ALA A 178 18.79 2.95 38.72
CA ALA A 178 17.70 3.82 39.14
C ALA A 178 16.56 2.94 39.67
N ASP A 179 16.49 2.79 40.98
CA ASP A 179 15.45 1.94 41.57
C ASP A 179 14.11 2.65 41.51
N HIS A 180 13.08 1.92 41.10
CA HIS A 180 11.71 2.43 40.99
C HIS A 180 10.83 1.75 42.03
N TYR A 181 10.08 2.55 42.78
CA TYR A 181 9.10 2.06 43.74
C TYR A 181 7.75 2.66 43.39
N GLN A 182 6.81 1.82 42.99
CA GLN A 182 5.57 2.26 42.37
C GLN A 182 4.37 1.71 43.12
N GLN A 183 3.33 2.54 43.24
CA GLN A 183 2.06 2.13 43.83
C GLN A 183 0.95 2.59 42.90
N ASN A 184 0.00 1.69 42.63
CA ASN A 184 -1.14 1.97 41.77
C ASN A 184 -2.42 1.74 42.54
N VAL A 185 -3.33 2.71 42.47
CA VAL A 185 -4.59 2.66 43.20
C VAL A 185 -5.71 3.08 42.24
N PRO A 186 -6.84 2.38 42.21
CA PRO A 186 -7.90 2.74 41.26
C PRO A 186 -8.53 4.08 41.61
N LEU A 187 -8.97 4.78 40.57
CA LEU A 187 -9.68 6.04 40.74
C LEU A 187 -11.18 5.86 40.91
N GLY A 188 -11.76 4.83 40.29
CA GLY A 188 -13.19 4.60 40.35
C GLY A 188 -13.59 3.70 41.50
N LYS A 189 -14.90 3.48 41.59
CA LYS A 189 -15.50 2.69 42.65
C LYS A 189 -15.95 1.31 42.17
N GLY A 190 -15.61 0.95 40.95
CA GLY A 190 -15.91 -0.38 40.45
C GLY A 190 -14.91 -1.39 40.94
N PRO A 191 -15.26 -2.67 40.81
CA PRO A 191 -14.34 -3.72 41.23
C PRO A 191 -13.15 -3.82 40.27
N VAL A 192 -11.97 -4.06 40.85
CA VAL A 192 -10.76 -4.27 40.09
C VAL A 192 -10.26 -5.67 40.38
N LEU A 193 -9.29 -6.12 39.58
CA LEU A 193 -8.73 -7.45 39.70
C LEU A 193 -7.46 -7.39 40.55
N LEU A 194 -7.45 -8.15 41.64
CA LEU A 194 -6.25 -8.30 42.47
C LEU A 194 -5.40 -9.41 41.88
N PRO A 195 -4.25 -9.10 41.28
CA PRO A 195 -3.46 -10.13 40.61
C PRO A 195 -2.61 -10.92 41.59
N ASP A 196 -2.01 -11.99 41.07
CA ASP A 196 -0.97 -12.72 41.78
C ASP A 196 0.37 -12.05 41.54
N PRO A 197 1.40 -12.42 42.30
CA PRO A 197 2.76 -12.00 41.94
C PRO A 197 3.10 -12.39 40.51
N HIS A 198 3.46 -11.39 39.70
CA HIS A 198 3.90 -11.63 38.34
C HIS A 198 4.82 -10.48 37.93
N TYR A 199 5.36 -10.57 36.72
CA TYR A 199 6.24 -9.53 36.22
C TYR A 199 5.90 -9.22 34.77
N LEU A 200 6.43 -8.08 34.31
CA LEU A 200 6.31 -7.66 32.92
C LEU A 200 7.69 -7.66 32.29
N SER A 201 7.79 -8.23 31.08
CA SER A 201 9.02 -8.18 30.30
C SER A 201 8.94 -6.95 29.40
N THR A 202 9.80 -5.97 29.67
CA THR A 202 9.75 -4.69 28.97
C THR A 202 10.94 -4.53 28.04
N GLN A 203 10.68 -3.96 26.87
CA GLN A 203 11.69 -3.70 25.84
C GLN A 203 11.42 -2.30 25.30
N SER A 204 12.43 -1.44 25.33
CA SER A 204 12.28 -0.07 24.89
C SER A 204 13.36 0.31 23.89
N VAL A 205 13.03 1.26 23.02
CA VAL A 205 13.97 1.78 22.03
C VAL A 205 13.70 3.27 21.88
N LEU A 206 14.72 4.09 22.13
CA LEU A 206 14.62 5.53 21.94
C LEU A 206 15.35 5.95 20.67
N SER A 207 14.80 6.94 19.99
CA SER A 207 15.36 7.43 18.74
C SER A 207 15.11 8.93 18.65
N LYS A 208 15.31 9.50 17.47
CA LYS A 208 15.09 10.92 17.24
C LYS A 208 14.30 11.13 15.97
N ASP A 209 13.47 12.17 15.96
CA ASP A 209 12.74 12.61 14.78
C ASP A 209 13.63 13.58 14.01
N THR A 210 14.03 13.18 12.78
CA THR A 210 14.90 14.02 11.98
C THR A 210 14.22 15.32 11.55
N ASN A 211 12.89 15.37 11.58
CA ASN A 211 12.15 16.54 11.14
C ASN A 211 11.73 17.45 12.29
N GLU A 212 12.04 17.08 13.52
CA GLU A 212 11.65 17.86 14.69
C GLU A 212 12.81 18.73 15.15
N LYS A 213 12.53 20.02 15.32
CA LYS A 213 13.55 20.97 15.78
C LYS A 213 13.51 21.20 17.28
N ARG A 214 12.36 21.02 17.93
CA ARG A 214 12.26 21.16 19.36
C ARG A 214 12.89 19.96 20.08
N ASP A 215 13.23 20.16 21.35
CA ASP A 215 13.76 19.07 22.15
C ASP A 215 12.70 18.00 22.33
N HIS A 216 13.05 16.76 21.96
CA HIS A 216 12.04 15.71 21.84
C HIS A 216 12.68 14.35 22.06
N MET A 217 11.84 13.31 22.07
CA MET A 217 12.29 11.94 22.11
C MET A 217 11.17 11.05 21.56
N VAL A 218 11.53 10.18 20.63
CA VAL A 218 10.61 9.16 20.11
C VAL A 218 10.88 7.88 20.86
N LEU A 219 9.81 7.22 21.32
CA LEU A 219 9.90 6.02 22.13
C LEU A 219 9.13 4.89 21.47
N LEU A 220 9.76 3.73 21.36
CA LEU A 220 9.10 2.49 20.97
C LEU A 220 9.25 1.49 22.11
N GLU A 221 8.14 0.87 22.51
CA GLU A 221 8.15 -0.02 23.67
C GLU A 221 7.32 -1.26 23.38
N PHE A 222 7.80 -2.40 23.86
CA PHE A 222 7.07 -3.67 23.79
C PHE A 222 7.05 -4.29 25.17
N VAL A 223 5.86 -4.54 25.70
CA VAL A 223 5.71 -5.10 27.04
C VAL A 223 4.83 -6.34 26.98
N THR A 224 5.14 -7.31 27.83
CA THR A 224 4.41 -8.57 27.89
C THR A 224 4.43 -9.08 29.32
N ALA A 225 3.25 -9.40 29.86
CA ALA A 225 3.17 -9.94 31.20
C ALA A 225 3.58 -11.42 31.19
N ALA A 226 3.98 -11.90 32.37
CA ALA A 226 4.41 -13.29 32.52
C ALA A 226 4.20 -13.72 33.97
N GLY A 227 3.82 -14.98 34.16
CA GLY A 227 3.54 -15.46 35.48
C GLY A 227 4.79 -15.76 36.28
N LEU A 228 4.61 -15.87 37.59
CA LEU A 228 5.68 -16.24 38.51
C LEU A 228 5.33 -17.58 39.15
N PRO A 229 6.17 -18.61 39.03
CA PRO A 229 5.90 -19.94 39.59
C PRO A 229 5.72 -19.92 41.10
N ALA B 2 -11.09 -25.73 6.58
CA ALA B 2 -9.92 -25.75 7.43
C ALA B 2 -8.91 -26.78 6.96
N TYR B 3 -7.82 -26.32 6.36
CA TYR B 3 -6.79 -27.23 5.90
C TYR B 3 -5.98 -27.73 7.09
N PRO B 4 -5.58 -29.01 7.09
CA PRO B 4 -4.90 -29.56 8.27
C PRO B 4 -3.51 -28.99 8.50
N GLY B 5 -3.43 -27.68 8.69
CA GLY B 5 -2.18 -27.03 9.06
C GLY B 5 -2.46 -25.89 10.02
N GLU B 6 -3.69 -25.38 9.99
CA GLU B 6 -4.08 -24.29 10.87
C GLU B 6 -4.18 -24.74 12.32
N GLU B 7 -4.56 -26.00 12.56
CA GLU B 7 -4.68 -26.48 13.93
C GLU B 7 -3.33 -26.61 14.62
N LEU B 8 -2.24 -26.71 13.85
CA LEU B 8 -0.91 -26.81 14.43
C LEU B 8 -0.40 -25.48 14.98
N PHE B 9 -1.16 -24.40 14.83
CA PHE B 9 -0.69 -23.08 15.22
C PHE B 9 -1.72 -22.34 16.08
N THR B 10 -2.63 -23.06 16.73
CA THR B 10 -3.62 -22.41 17.59
C THR B 10 -3.00 -21.87 18.87
N GLY B 11 -1.81 -22.31 19.22
CA GLY B 11 -1.17 -21.84 20.44
C GLY B 11 0.30 -21.54 20.24
N VAL B 12 1.06 -21.56 21.33
CA VAL B 12 2.49 -21.26 21.28
C VAL B 12 3.25 -22.50 20.84
N VAL B 13 4.18 -22.32 19.91
CA VAL B 13 4.93 -23.44 19.34
C VAL B 13 6.43 -23.15 19.48
N PRO B 14 7.22 -24.08 20.00
CA PRO B 14 8.66 -23.84 20.11
C PRO B 14 9.32 -23.87 18.73
N ILE B 15 10.42 -23.12 18.62
CA ILE B 15 11.17 -22.98 17.37
C ILE B 15 12.60 -23.45 17.59
N LEU B 16 13.12 -24.19 16.61
CA LEU B 16 14.53 -24.51 16.51
C LEU B 16 15.06 -23.91 15.22
N VAL B 17 16.22 -23.26 15.30
CA VAL B 17 16.88 -22.67 14.14
C VAL B 17 18.31 -23.18 14.08
N GLU B 18 18.71 -23.67 12.92
CA GLU B 18 20.09 -24.12 12.70
C GLU B 18 20.56 -23.62 11.35
N LEU B 19 21.68 -22.90 11.34
CA LEU B 19 22.21 -22.30 10.13
C LEU B 19 23.70 -22.57 10.01
N ASP B 20 24.12 -23.08 8.86
CA ASP B 20 25.53 -23.23 8.51
C ASP B 20 25.87 -22.21 7.43
N GLY B 21 26.76 -21.27 7.76
CA GLY B 21 27.05 -20.17 6.86
C GLY B 21 28.47 -20.14 6.34
N ASP B 22 28.67 -19.50 5.18
CA ASP B 22 29.97 -19.47 4.52
C ASP B 22 30.06 -18.17 3.74
N VAL B 23 30.76 -17.19 4.30
CA VAL B 23 30.89 -15.87 3.69
C VAL B 23 32.38 -15.56 3.56
N ASN B 24 32.82 -15.33 2.33
CA ASN B 24 34.22 -14.98 2.03
C ASN B 24 35.19 -15.97 2.66
N GLY B 25 34.82 -17.25 2.63
CA GLY B 25 35.62 -18.31 3.21
C GLY B 25 35.36 -18.58 4.67
N HIS B 26 34.95 -17.57 5.43
CA HIS B 26 34.70 -17.73 6.87
C HIS B 26 33.46 -18.60 7.07
N LYS B 27 33.66 -19.81 7.58
CA LYS B 27 32.57 -20.71 7.90
C LYS B 27 32.10 -20.47 9.33
N PHE B 28 30.80 -20.29 9.51
CA PHE B 28 30.22 -20.01 10.81
C PHE B 28 28.93 -20.79 10.97
N SER B 29 28.52 -20.96 12.23
CA SER B 29 27.30 -21.68 12.58
C SER B 29 26.52 -20.90 13.62
N VAL B 30 25.19 -21.01 13.54
CA VAL B 30 24.29 -20.32 14.45
C VAL B 30 23.21 -21.31 14.91
N SER B 31 22.92 -21.29 16.21
CA SER B 31 21.83 -22.07 16.78
C SER B 31 20.81 -21.10 17.38
N GLY B 32 19.54 -21.35 17.11
CA GLY B 32 18.48 -20.48 17.58
C GLY B 32 17.37 -21.25 18.25
N GLU B 33 16.70 -20.60 19.19
CA GLU B 33 15.58 -21.19 19.91
C GLU B 33 14.61 -20.08 20.31
N GLY B 34 13.37 -20.48 20.53
CA GLY B 34 12.34 -19.53 20.92
C GLY B 34 10.96 -20.13 20.71
N GLU B 35 9.97 -19.24 20.67
CA GLU B 35 8.57 -19.63 20.53
C GLU B 35 7.90 -18.79 19.45
N GLY B 36 6.72 -19.24 19.03
CA GLY B 36 5.94 -18.52 18.03
C GLY B 36 4.45 -18.68 18.24
N ASP B 37 3.71 -17.58 18.11
CA ASP B 37 2.25 -17.58 18.29
C ASP B 37 1.62 -16.98 17.05
N ALA B 38 0.85 -17.79 16.32
CA ALA B 38 0.19 -17.33 15.11
C ALA B 38 -1.03 -16.46 15.38
N ARG B 39 -1.60 -16.55 16.58
CA ARG B 39 -2.78 -15.75 16.90
C ARG B 39 -2.47 -14.26 16.88
N THR B 40 -1.24 -13.88 17.24
CA THR B 40 -0.83 -12.48 17.26
C THR B 40 0.31 -12.17 16.31
N GLY B 41 0.97 -13.18 15.73
CA GLY B 41 2.15 -12.96 14.93
C GLY B 41 3.42 -12.76 15.71
N LYS B 42 3.43 -13.08 17.00
CA LYS B 42 4.58 -12.81 17.86
C LYS B 42 5.68 -13.84 17.63
N LEU B 43 6.91 -13.36 17.59
CA LEU B 43 8.08 -14.22 17.43
C LEU B 43 9.14 -13.77 18.42
N THR B 44 9.54 -14.67 19.31
CA THR B 44 10.62 -14.41 20.25
C THR B 44 11.70 -15.47 20.01
N LEU B 45 12.87 -15.03 19.58
CA LEU B 45 13.94 -15.96 19.22
C LEU B 45 15.28 -15.43 19.70
N LYS B 46 16.11 -16.34 20.19
CA LYS B 46 17.49 -16.03 20.59
C LYS B 46 18.43 -16.89 19.75
N PHE B 47 19.35 -16.25 19.03
CA PHE B 47 20.33 -16.93 18.21
C PHE B 47 21.70 -16.77 18.82
N ILE B 48 22.53 -17.81 18.70
CA ILE B 48 23.87 -17.82 19.26
C ILE B 48 24.82 -18.38 18.22
N CYS B 49 25.94 -17.68 17.99
CA CYS B 49 26.98 -18.16 17.10
C CYS B 49 27.80 -19.20 17.84
N THR B 50 27.65 -20.47 17.45
CA THR B 50 28.34 -21.57 18.11
C THR B 50 29.77 -21.75 17.64
N THR B 51 30.21 -21.00 16.62
CA THR B 51 31.57 -21.08 16.12
C THR B 51 32.43 -19.91 16.58
N GLY B 52 31.95 -19.13 17.54
CA GLY B 52 32.73 -18.00 18.05
C GLY B 52 32.13 -16.66 17.70
N LYS B 53 32.92 -15.82 17.04
CA LYS B 53 32.45 -14.52 16.58
C LYS B 53 31.82 -14.66 15.20
N LEU B 54 30.73 -13.93 14.98
CA LEU B 54 30.08 -13.93 13.68
C LEU B 54 30.86 -13.06 12.70
N PRO B 55 31.26 -13.59 11.54
CA PRO B 55 32.01 -12.77 10.58
C PRO B 55 31.16 -11.79 9.80
N VAL B 56 29.83 -11.86 9.92
CA VAL B 56 28.93 -10.94 9.25
C VAL B 56 28.10 -10.24 10.32
N PRO B 57 27.59 -9.05 10.04
CA PRO B 57 26.75 -8.36 11.04
C PRO B 57 25.46 -9.11 11.28
N TRP B 58 25.06 -9.13 12.56
CA TRP B 58 23.83 -9.83 12.93
C TRP B 58 22.59 -9.37 12.17
N PRO B 59 22.36 -8.07 11.91
CA PRO B 59 21.14 -7.68 11.17
C PRO B 59 21.02 -8.28 9.78
N THR B 60 22.12 -8.71 9.15
CA THR B 60 22.05 -9.25 7.80
C THR B 60 21.53 -10.68 7.75
N LEU B 61 21.29 -11.31 8.90
CA LEU B 61 20.80 -12.67 8.95
C LEU B 61 19.40 -12.79 9.55
N VAL B 62 18.75 -11.66 9.86
CA VAL B 62 17.43 -11.71 10.49
C VAL B 62 16.42 -12.39 9.56
N THR B 63 16.39 -11.99 8.29
CA THR B 63 15.42 -12.56 7.35
C THR B 63 15.70 -14.03 7.10
N THR B 64 16.98 -14.42 7.06
CA THR B 64 17.30 -15.82 6.87
C THR B 64 16.91 -16.64 8.09
N PHE B 65 17.07 -16.08 9.29
CA PHE B 65 16.73 -16.77 10.53
C PHE B 65 15.23 -17.03 10.62
N1 GYS B 66 14.68 -15.67 10.50
OG1 GYS B 66 11.38 -14.57 11.76
CB1 GYS B 66 12.81 -14.65 11.70
CA1 GYS B 66 13.22 -15.70 10.68
C1 GYS B 66 12.58 -15.43 9.37
N2 GYS B 66 12.27 -14.17 8.92
N3 GYS B 66 12.25 -16.39 8.48
C2 GYS B 66 11.72 -15.75 7.44
O2 GYS B 66 11.25 -16.31 6.31
CA2 GYS B 66 11.73 -14.31 7.71
CA3 GYS B 66 12.46 -17.83 8.65
CB2 GYS B 66 11.23 -13.18 6.88
CG2 GYS B 66 11.30 -11.74 7.23
CD1 GYS B 66 11.09 -10.81 6.23
CD2 GYS B 66 11.59 -11.29 8.52
CE1 GYS B 66 11.14 -9.45 6.50
CE2 GYS B 66 11.66 -9.94 8.79
CZ GYS B 66 11.44 -9.01 7.78
OH GYS B 66 11.50 -7.67 8.05
C3 GYS B 66 11.34 -18.66 8.08
O3 GYS B 66 11.52 -19.90 8.01
N VAL B 67 10.43 -18.79 9.22
CA VAL B 67 9.34 -19.33 10.01
C VAL B 67 8.09 -18.47 9.82
N GLN B 68 7.86 -18.08 8.56
CA GLN B 68 6.73 -17.22 8.22
C GLN B 68 5.38 -17.92 8.39
N CYS B 69 5.36 -19.19 8.78
CA CYS B 69 4.12 -19.85 9.16
C CYS B 69 3.56 -19.33 10.47
N PHE B 70 4.32 -18.52 11.21
CA PHE B 70 3.86 -17.92 12.45
C PHE B 70 3.22 -16.56 12.25
N SER B 71 3.10 -16.12 10.99
CA SER B 71 2.38 -14.89 10.70
C SER B 71 0.91 -15.03 11.08
N HIS B 72 0.32 -13.92 11.50
CA HIS B 72 -1.10 -13.91 11.82
C HIS B 72 -1.90 -13.66 10.54
N TYR B 73 -2.77 -14.61 10.20
CA TYR B 73 -3.66 -14.46 9.07
C TYR B 73 -5.08 -14.27 9.58
N PRO B 74 -5.70 -13.11 9.36
CA PRO B 74 -7.06 -12.88 9.88
C PRO B 74 -8.09 -13.82 9.28
N ASP B 75 -9.33 -13.73 9.76
CA ASP B 75 -10.38 -14.64 9.34
C ASP B 75 -10.59 -14.59 7.83
N HIS B 76 -10.67 -13.39 7.27
CA HIS B 76 -10.90 -13.21 5.84
C HIS B 76 -9.68 -13.56 5.00
N MET B 77 -8.57 -14.00 5.59
CA MET B 77 -7.35 -14.32 4.87
C MET B 77 -6.87 -15.74 5.10
N ARG B 78 -7.62 -16.56 5.85
CA ARG B 78 -7.16 -17.90 6.19
C ARG B 78 -6.92 -18.74 4.94
N ARG B 79 -7.62 -18.44 3.85
CA ARG B 79 -7.49 -19.22 2.63
C ARG B 79 -6.23 -18.88 1.83
N HIS B 80 -5.49 -17.84 2.23
CA HIS B 80 -4.26 -17.47 1.57
C HIS B 80 -3.01 -17.93 2.31
N ASP B 81 -3.17 -18.60 3.45
CA ASP B 81 -2.02 -18.98 4.28
C ASP B 81 -1.36 -20.22 3.68
N PHE B 82 -0.44 -19.98 2.75
CA PHE B 82 0.29 -21.09 2.14
C PHE B 82 1.20 -21.78 3.15
N PHE B 83 1.89 -21.00 3.99
CA PHE B 83 2.89 -21.56 4.89
C PHE B 83 2.27 -22.60 5.83
N LYS B 84 1.07 -22.33 6.34
CA LYS B 84 0.44 -23.26 7.26
C LYS B 84 -0.08 -24.49 6.53
N SER B 85 -0.58 -24.31 5.30
CA SER B 85 -1.12 -25.44 4.54
C SER B 85 -0.05 -26.47 4.19
N ALA B 86 1.22 -26.07 4.19
CA ALA B 86 2.31 -27.01 3.92
C ALA B 86 2.71 -27.81 5.15
N MET B 87 2.17 -27.49 6.33
CA MET B 87 2.46 -28.18 7.58
C MET B 87 1.58 -29.41 7.73
N PRO B 88 2.04 -30.44 8.46
CA PRO B 88 3.31 -30.50 9.20
C PRO B 88 4.52 -30.91 8.36
N GLU B 89 4.29 -31.34 7.12
CA GLU B 89 5.41 -31.72 6.25
C GLU B 89 6.32 -30.54 5.93
N GLY B 90 5.81 -29.31 6.02
CA GLY B 90 6.64 -28.13 5.86
C GLY B 90 6.92 -27.78 4.41
N TYR B 91 7.75 -26.76 4.25
CA TYR B 91 8.08 -26.21 2.93
C TYR B 91 9.56 -25.88 2.87
N ARG B 92 10.04 -25.64 1.65
CA ARG B 92 11.42 -25.26 1.39
C ARG B 92 11.47 -23.78 1.05
N GLN B 93 12.40 -23.05 1.67
CA GLN B 93 12.53 -21.61 1.47
C GLN B 93 13.92 -21.32 0.90
N GLU B 94 13.98 -21.05 -0.40
CA GLU B 94 15.21 -20.61 -1.06
C GLU B 94 15.14 -19.11 -1.30
N ARG B 95 16.25 -18.43 -1.06
CA ARG B 95 16.27 -16.98 -1.15
C ARG B 95 17.61 -16.50 -1.70
N THR B 96 17.56 -15.48 -2.54
CA THR B 96 18.75 -14.76 -3.02
C THR B 96 18.65 -13.33 -2.49
N ILE B 97 19.57 -12.97 -1.61
CA ILE B 97 19.61 -11.63 -1.02
C ILE B 97 20.71 -10.83 -1.73
N VAL B 98 20.35 -9.65 -2.22
CA VAL B 98 21.28 -8.80 -2.96
C VAL B 98 21.50 -7.53 -2.14
N PHE B 99 22.72 -7.31 -1.69
CA PHE B 99 23.10 -6.08 -1.01
C PHE B 99 23.63 -5.11 -2.05
N LYS B 100 22.99 -3.95 -2.17
CA LYS B 100 23.32 -3.01 -3.23
C LYS B 100 24.75 -2.51 -3.09
N ASP B 101 25.48 -2.51 -4.21
CA ASP B 101 26.88 -2.10 -4.27
C ASP B 101 27.76 -2.90 -3.33
N ASP B 102 27.36 -4.14 -3.06
CA ASP B 102 28.13 -5.03 -2.20
C ASP B 102 27.92 -6.49 -2.57
N GLY B 103 27.75 -7.36 -1.58
CA GLY B 103 27.71 -8.79 -1.80
C GLY B 103 26.30 -9.34 -1.89
N ASN B 104 26.22 -10.67 -1.92
CA ASN B 104 24.96 -11.37 -2.08
C ASN B 104 24.92 -12.60 -1.17
N TYR B 105 23.72 -12.90 -0.68
CA TYR B 105 23.45 -14.10 0.10
C TYR B 105 22.62 -15.06 -0.73
N LYS B 106 22.92 -16.35 -0.60
CA LYS B 106 22.11 -17.41 -1.18
C LYS B 106 21.75 -18.38 -0.07
N THR B 107 20.46 -18.52 0.22
CA THR B 107 20.00 -19.33 1.33
C THR B 107 19.11 -20.45 0.82
N ARG B 108 19.14 -21.57 1.53
CA ARG B 108 18.25 -22.70 1.28
C ARG B 108 17.87 -23.29 2.62
N ALA B 109 16.57 -23.34 2.90
CA ALA B 109 16.08 -23.78 4.20
C ALA B 109 14.95 -24.79 4.02
N GLU B 110 14.77 -25.62 5.04
CA GLU B 110 13.64 -26.55 5.10
C GLU B 110 12.92 -26.31 6.42
N VAL B 111 11.88 -25.49 6.36
CA VAL B 111 11.04 -25.22 7.52
C VAL B 111 10.02 -26.35 7.63
N LYS B 112 10.07 -27.10 8.72
CA LYS B 112 9.17 -28.23 8.90
C LYS B 112 9.02 -28.51 10.39
N PHE B 113 8.01 -29.32 10.71
CA PHE B 113 7.76 -29.73 12.08
C PHE B 113 8.60 -30.96 12.42
N GLU B 114 9.34 -30.88 13.52
CA GLU B 114 10.15 -31.98 14.03
C GLU B 114 9.59 -32.31 15.41
N GLY B 115 8.63 -33.23 15.46
CA GLY B 115 7.95 -33.54 16.70
C GLY B 115 6.95 -32.47 17.07
N ASP B 116 7.19 -31.77 18.19
CA ASP B 116 6.30 -30.70 18.63
C ASP B 116 6.86 -29.31 18.36
N THR B 117 8.10 -29.20 17.88
CA THR B 117 8.73 -27.91 17.59
C THR B 117 8.87 -27.72 16.09
N LEU B 118 8.64 -26.49 15.64
CA LEU B 118 8.89 -26.12 14.26
C LEU B 118 10.37 -25.79 14.08
N ALA B 119 11.02 -26.45 13.13
CA ALA B 119 12.45 -26.32 12.93
C ALA B 119 12.76 -25.65 11.60
N ASN B 120 13.76 -24.77 11.61
CA ASN B 120 14.23 -24.06 10.42
C ASN B 120 15.72 -24.31 10.27
N ARG B 121 16.08 -25.14 9.28
CA ARG B 121 17.47 -25.51 9.03
C ARG B 121 17.93 -24.89 7.72
N ILE B 122 18.84 -23.93 7.80
CA ILE B 122 19.25 -23.13 6.65
C ILE B 122 20.72 -23.41 6.32
N GLU B 123 21.06 -23.15 5.06
CA GLU B 123 22.44 -23.12 4.61
C GLU B 123 22.65 -21.79 3.87
N LEU B 124 23.73 -21.10 4.21
CA LEU B 124 24.00 -19.77 3.68
C LEU B 124 25.37 -19.75 3.01
N VAL B 125 25.43 -19.15 1.82
CA VAL B 125 26.68 -18.95 1.09
C VAL B 125 26.72 -17.49 0.66
N GLY B 126 27.70 -16.75 1.17
CA GLY B 126 27.91 -15.36 0.80
C GLY B 126 29.12 -15.22 -0.10
N SER B 127 29.08 -14.23 -0.98
CA SER B 127 30.17 -14.03 -1.93
C SER B 127 30.14 -12.59 -2.42
N ASP B 128 31.26 -12.18 -3.02
CA ASP B 128 31.41 -10.86 -3.64
C ASP B 128 31.21 -9.73 -2.64
N PHE B 129 31.57 -9.96 -1.39
CA PHE B 129 31.50 -8.94 -0.35
C PHE B 129 32.85 -8.24 -0.21
N LYS B 130 32.83 -6.91 -0.34
CA LYS B 130 34.05 -6.15 -0.14
C LYS B 130 34.46 -6.19 1.33
N GLU B 131 35.73 -6.49 1.59
CA GLU B 131 36.22 -6.50 2.97
C GLU B 131 36.08 -5.13 3.61
N ASP B 132 36.21 -4.06 2.82
CA ASP B 132 35.90 -2.72 3.27
C ASP B 132 34.47 -2.30 2.91
N GLY B 133 33.60 -3.28 2.64
CA GLY B 133 32.24 -2.98 2.22
C GLY B 133 31.39 -2.45 3.35
N TRP B 134 30.19 -2.00 2.97
CA TRP B 134 29.25 -1.44 3.95
C TRP B 134 28.80 -2.50 4.94
N ILE B 135 28.71 -3.76 4.52
CA ILE B 135 28.31 -4.82 5.42
C ILE B 135 29.48 -5.27 6.29
N MET B 136 30.63 -5.52 5.67
CA MET B 136 31.80 -5.96 6.41
C MET B 136 32.29 -4.88 7.37
N GLY B 137 32.65 -5.30 8.58
CA GLY B 137 33.00 -4.41 9.67
C GLY B 137 32.00 -4.42 10.81
N HIS B 138 30.79 -4.92 10.57
CA HIS B 138 29.76 -5.16 11.58
C HIS B 138 29.12 -3.89 12.13
N LYS B 139 28.43 -4.03 13.26
CA LYS B 139 27.74 -2.94 13.97
C LYS B 139 26.53 -2.40 13.23
N LEU B 140 26.02 -3.14 12.25
CA LEU B 140 24.91 -2.65 11.43
C LEU B 140 23.66 -2.44 12.28
N LYS B 141 22.67 -1.76 11.69
CA LYS B 141 21.46 -1.37 12.40
C LYS B 141 20.25 -1.81 11.58
N PHE B 142 19.39 -2.63 12.19
CA PHE B 142 18.18 -3.12 11.54
C PHE B 142 17.02 -2.19 11.86
N ASN B 143 16.28 -1.79 10.82
CA ASN B 143 15.17 -0.86 11.00
C ASN B 143 14.05 -1.53 11.79
N TYR B 144 13.66 -0.90 12.90
CA TYR B 144 12.60 -1.42 13.74
C TYR B 144 11.21 -1.04 13.25
N ASN B 145 11.11 -0.25 12.18
CA ASN B 145 9.81 0.11 11.64
C ASN B 145 9.25 -1.01 10.77
N SER B 146 7.94 -0.93 10.52
CA SER B 146 7.21 -1.96 9.77
C SER B 146 7.32 -1.74 8.27
N HIS B 147 7.62 -2.80 7.53
CA HIS B 147 7.64 -2.76 6.08
C HIS B 147 6.83 -3.93 5.54
N ASN B 148 6.74 -4.02 4.22
CA ASN B 148 5.84 -4.94 3.55
C ASN B 148 6.61 -6.02 2.80
N VAL B 149 6.15 -7.26 2.94
CA VAL B 149 6.74 -8.44 2.31
C VAL B 149 5.67 -9.02 1.40
N TYR B 150 5.77 -8.74 0.10
CA TYR B 150 4.72 -9.12 -0.84
C TYR B 150 4.87 -10.58 -1.24
N ILE B 151 3.73 -11.24 -1.43
CA ILE B 151 3.66 -12.67 -1.72
C ILE B 151 2.76 -12.88 -2.92
N MET B 152 3.20 -13.70 -3.87
CA MET B 152 2.37 -14.06 -5.00
C MET B 152 2.46 -15.56 -5.26
N PRO B 153 1.42 -16.14 -5.85
CA PRO B 153 1.42 -17.59 -6.08
C PRO B 153 2.24 -17.99 -7.30
N ASP B 154 2.97 -19.10 -7.16
CA ASP B 154 3.69 -19.72 -8.26
C ASP B 154 2.93 -20.99 -8.63
N LYS B 155 2.04 -20.87 -9.61
CA LYS B 155 1.21 -22.01 -9.98
C LYS B 155 2.03 -23.13 -10.59
N GLN B 156 3.09 -22.79 -11.33
CA GLN B 156 3.89 -23.81 -11.99
C GLN B 156 4.63 -24.69 -10.97
N LYS B 157 5.10 -24.09 -9.87
CA LYS B 157 5.86 -24.81 -8.85
C LYS B 157 4.98 -25.24 -7.67
N ASN B 158 3.68 -25.00 -7.73
CA ASN B 158 2.76 -25.35 -6.64
C ASN B 158 3.20 -24.70 -5.33
N GLY B 159 3.74 -23.49 -5.42
CA GLY B 159 4.21 -22.79 -4.25
C GLY B 159 3.93 -21.30 -4.32
N ILE B 160 4.74 -20.50 -3.62
CA ILE B 160 4.59 -19.05 -3.66
C ILE B 160 5.95 -18.42 -3.96
N SER B 161 5.89 -17.21 -4.50
CA SER B 161 7.05 -16.37 -4.72
C SER B 161 6.98 -15.18 -3.77
N VAL B 162 8.11 -14.82 -3.20
CA VAL B 162 8.18 -13.76 -2.18
C VAL B 162 9.36 -12.86 -2.50
N VAL B 163 9.10 -11.57 -2.66
CA VAL B 163 10.18 -10.59 -2.78
C VAL B 163 9.84 -9.38 -1.93
N PHE B 164 10.88 -8.77 -1.36
CA PHE B 164 10.73 -7.61 -0.49
C PHE B 164 12.08 -6.93 -0.36
N LYS B 165 12.06 -5.78 0.29
CA LYS B 165 13.26 -4.99 0.54
C LYS B 165 13.39 -4.77 2.04
N ILE B 166 14.63 -4.78 2.54
CA ILE B 166 14.88 -4.41 3.92
C ILE B 166 15.85 -3.24 3.94
N ARG B 167 15.65 -2.35 4.90
CA ARG B 167 16.46 -1.14 5.05
C ARG B 167 17.44 -1.34 6.21
N LEU B 168 18.73 -1.29 5.89
CA LEU B 168 19.79 -1.42 6.89
C LEU B 168 20.41 -0.06 7.13
N ASP B 169 20.28 0.45 8.36
CA ASP B 169 20.86 1.73 8.73
C ASP B 169 22.36 1.58 8.93
N LEU B 170 23.13 2.46 8.31
CA LEU B 170 24.58 2.39 8.35
C LEU B 170 25.14 3.23 9.51
N GLU B 171 26.39 2.93 9.87
CA GLU B 171 27.07 3.71 10.89
C GLU B 171 27.31 5.14 10.45
N ASP B 172 27.31 5.40 9.14
CA ASP B 172 27.55 6.74 8.62
C ASP B 172 26.28 7.56 8.49
N GLY B 173 25.16 7.06 9.01
CA GLY B 173 23.88 7.72 8.85
C GLY B 173 23.14 7.39 7.57
N GLY B 174 23.77 6.67 6.64
CA GLY B 174 23.15 6.31 5.40
C GLY B 174 22.29 5.07 5.51
N VAL B 175 21.97 4.49 4.35
CA VAL B 175 21.01 3.42 4.26
C VAL B 175 21.52 2.39 3.25
N LEU B 176 21.60 1.14 3.67
CA LEU B 176 21.93 0.03 2.79
C LEU B 176 20.67 -0.76 2.48
N LEU B 177 20.38 -0.92 1.20
CA LEU B 177 19.19 -1.63 0.74
C LEU B 177 19.58 -3.06 0.38
N ALA B 178 18.90 -4.03 0.99
CA ALA B 178 19.11 -5.45 0.72
C ALA B 178 17.86 -6.00 0.06
N ASP B 179 17.97 -6.34 -1.22
CA ASP B 179 16.84 -6.88 -1.96
C ASP B 179 16.72 -8.38 -1.74
N HIS B 180 15.50 -8.85 -1.50
CA HIS B 180 15.24 -10.24 -1.18
C HIS B 180 14.37 -10.86 -2.26
N TYR B 181 14.79 -12.03 -2.74
CA TYR B 181 14.07 -12.77 -3.78
C TYR B 181 13.92 -14.21 -3.28
N GLN B 182 12.70 -14.58 -2.91
CA GLN B 182 12.43 -15.80 -2.16
C GLN B 182 11.51 -16.71 -2.94
N GLN B 183 11.75 -18.03 -2.82
CA GLN B 183 10.92 -19.04 -3.47
C GLN B 183 10.55 -20.10 -2.44
N ASN B 184 9.26 -20.37 -2.32
CA ASN B 184 8.75 -21.37 -1.38
C ASN B 184 8.03 -22.46 -2.14
N VAL B 185 8.39 -23.71 -1.86
CA VAL B 185 7.71 -24.87 -2.45
C VAL B 185 7.41 -25.86 -1.33
N PRO B 186 6.35 -26.65 -1.42
CA PRO B 186 6.04 -27.60 -0.37
C PRO B 186 6.94 -28.83 -0.42
N LEU B 187 7.19 -29.39 0.77
CA LEU B 187 8.01 -30.59 0.89
C LEU B 187 7.20 -31.87 0.73
N GLY B 188 5.98 -31.89 1.27
CA GLY B 188 5.14 -33.06 1.21
C GLY B 188 4.40 -33.18 -0.11
N LYS B 189 3.56 -34.20 -0.19
CA LYS B 189 2.84 -34.52 -1.41
C LYS B 189 1.36 -34.15 -1.35
N GLY B 190 0.87 -33.61 -0.24
CA GLY B 190 -0.51 -33.20 -0.13
C GLY B 190 -0.75 -31.89 -0.83
N PRO B 191 -2.04 -31.53 -0.93
CA PRO B 191 -2.38 -30.23 -1.52
C PRO B 191 -2.07 -29.09 -0.57
N VAL B 192 -1.76 -27.93 -1.15
CA VAL B 192 -1.40 -26.74 -0.39
C VAL B 192 -2.29 -25.59 -0.83
N LEU B 193 -2.17 -24.46 -0.12
CA LEU B 193 -2.93 -23.28 -0.44
C LEU B 193 -2.20 -22.47 -1.51
N LEU B 194 -2.94 -22.08 -2.55
CA LEU B 194 -2.41 -21.20 -3.58
C LEU B 194 -3.02 -19.82 -3.37
N PRO B 195 -2.34 -18.91 -2.69
CA PRO B 195 -2.96 -17.65 -2.28
C PRO B 195 -3.11 -16.66 -3.42
N ASP B 196 -3.97 -15.68 -3.21
CA ASP B 196 -3.99 -14.49 -4.03
C ASP B 196 -2.78 -13.63 -3.69
N PRO B 197 -2.40 -12.70 -4.58
CA PRO B 197 -1.35 -11.75 -4.22
C PRO B 197 -1.72 -10.98 -2.95
N HIS B 198 -0.82 -11.02 -1.99
CA HIS B 198 -1.01 -10.29 -0.74
C HIS B 198 0.37 -9.92 -0.19
N TYR B 199 0.39 -9.39 1.03
CA TYR B 199 1.66 -9.01 1.64
C TYR B 199 1.58 -9.26 3.14
N LEU B 200 2.71 -9.06 3.80
CA LEU B 200 2.83 -9.21 5.25
C LEU B 200 3.54 -7.98 5.79
N SER B 201 2.84 -7.18 6.60
CA SER B 201 3.50 -6.12 7.34
C SER B 201 4.30 -6.74 8.48
N THR B 202 5.62 -6.55 8.45
CA THR B 202 6.52 -7.19 9.40
C THR B 202 7.26 -6.13 10.19
N GLN B 203 7.29 -6.31 11.51
CA GLN B 203 8.01 -5.41 12.41
C GLN B 203 8.92 -6.24 13.30
N SER B 204 10.18 -5.84 13.40
CA SER B 204 11.16 -6.58 14.19
C SER B 204 12.00 -5.60 15.01
N VAL B 205 12.49 -6.09 16.14
CA VAL B 205 13.36 -5.30 17.02
C VAL B 205 14.51 -6.19 17.45
N LEU B 206 15.73 -5.72 17.24
CA LEU B 206 16.93 -6.41 17.73
C LEU B 206 17.26 -5.95 19.13
N SER B 207 17.67 -6.88 19.97
CA SER B 207 18.10 -6.56 21.33
C SER B 207 19.21 -7.51 21.72
N LYS B 208 19.65 -7.41 22.98
CA LYS B 208 20.72 -8.23 23.51
C LYS B 208 20.27 -8.85 24.83
N ASP B 209 21.03 -9.83 25.29
CA ASP B 209 20.84 -10.46 26.59
C ASP B 209 22.06 -10.14 27.44
N THR B 210 21.86 -9.40 28.54
CA THR B 210 22.97 -8.98 29.37
C THR B 210 23.66 -10.14 30.06
N ASN B 211 22.96 -11.25 30.27
CA ASN B 211 23.53 -12.43 30.91
C ASN B 211 24.08 -13.43 29.90
N GLU B 212 24.32 -13.01 28.66
CA GLU B 212 24.85 -13.86 27.61
C GLU B 212 26.24 -13.39 27.23
N LYS B 213 27.22 -14.28 27.31
CA LYS B 213 28.61 -13.93 27.03
C LYS B 213 29.00 -14.15 25.58
N ARG B 214 28.36 -15.10 24.91
CA ARG B 214 28.70 -15.39 23.52
C ARG B 214 28.07 -14.37 22.58
N ASP B 215 28.59 -14.33 21.35
CA ASP B 215 28.02 -13.52 20.30
C ASP B 215 26.62 -14.04 19.97
N HIS B 216 25.61 -13.18 20.10
CA HIS B 216 24.23 -13.61 20.05
C HIS B 216 23.37 -12.50 19.47
N MET B 217 22.05 -12.71 19.50
CA MET B 217 21.06 -11.69 19.21
C MET B 217 19.70 -12.17 19.69
N VAL B 218 18.94 -11.27 20.30
CA VAL B 218 17.55 -11.53 20.66
C VAL B 218 16.64 -10.86 19.64
N LEU B 219 15.59 -11.56 19.25
CA LEU B 219 14.72 -11.12 18.16
C LEU B 219 13.27 -11.07 18.64
N LEU B 220 12.60 -9.95 18.37
CA LEU B 220 11.18 -9.81 18.57
C LEU B 220 10.55 -9.40 17.25
N GLU B 221 9.51 -10.12 16.83
CA GLU B 221 8.95 -9.91 15.51
C GLU B 221 7.44 -10.12 15.53
N PHE B 222 6.71 -9.17 14.95
CA PHE B 222 5.27 -9.29 14.75
C PHE B 222 4.98 -9.24 13.26
N VAL B 223 4.17 -10.19 12.79
CA VAL B 223 3.81 -10.31 11.38
C VAL B 223 2.31 -10.52 11.28
N THR B 224 1.65 -9.73 10.44
CA THR B 224 0.22 -9.85 10.21
C THR B 224 -0.04 -9.81 8.71
N ALA B 225 -0.97 -10.65 8.26
CA ALA B 225 -1.32 -10.70 6.85
C ALA B 225 -2.34 -9.62 6.50
N ALA B 226 -2.27 -9.16 5.25
CA ALA B 226 -3.16 -8.14 4.73
C ALA B 226 -3.35 -8.35 3.24
N GLY B 227 -4.55 -8.05 2.76
CA GLY B 227 -4.88 -8.33 1.38
C GLY B 227 -4.55 -7.19 0.42
N LEU B 228 -4.58 -7.53 -0.87
CA LEU B 228 -4.40 -6.57 -1.94
C LEU B 228 -5.67 -6.51 -2.77
N PRO B 229 -6.19 -5.30 -3.08
CA PRO B 229 -7.40 -5.08 -3.87
C PRO B 229 -7.54 -5.99 -5.08
N ALA C 2 15.01 6.55 -19.08
CA ALA C 2 15.73 6.65 -20.34
C ALA C 2 16.42 5.33 -20.65
N TYR C 3 15.95 4.26 -20.02
CA TYR C 3 16.49 2.94 -20.27
C TYR C 3 16.23 2.52 -21.71
N PRO C 4 17.05 1.63 -22.28
CA PRO C 4 16.84 1.24 -23.68
C PRO C 4 15.57 0.41 -23.82
N GLY C 5 14.85 0.66 -24.92
CA GLY C 5 13.55 0.08 -25.16
C GLY C 5 12.42 1.07 -25.04
N GLU C 6 12.56 2.06 -24.15
CA GLU C 6 11.52 3.07 -24.00
C GLU C 6 11.44 3.99 -25.22
N GLU C 7 12.55 4.12 -25.97
CA GLU C 7 12.53 4.98 -27.15
C GLU C 7 11.58 4.47 -28.21
N LEU C 8 11.31 3.17 -28.23
CA LEU C 8 10.39 2.56 -29.19
C LEU C 8 8.93 2.84 -28.87
N PHE C 9 8.64 3.64 -27.84
CA PHE C 9 7.26 3.91 -27.43
C PHE C 9 7.04 5.39 -27.19
N THR C 10 7.81 6.25 -27.85
CA THR C 10 7.61 7.69 -27.72
C THR C 10 6.36 8.15 -28.46
N GLY C 11 5.83 7.35 -29.37
CA GLY C 11 4.64 7.71 -30.10
C GLY C 11 3.73 6.53 -30.40
N VAL C 12 2.79 6.72 -31.31
CA VAL C 12 1.86 5.66 -31.65
C VAL C 12 2.58 4.55 -32.41
N VAL C 13 2.40 3.31 -31.95
CA VAL C 13 3.10 2.16 -32.51
C VAL C 13 2.03 1.20 -33.05
N PRO C 14 2.15 0.73 -34.29
CA PRO C 14 1.19 -0.26 -34.80
C PRO C 14 1.36 -1.59 -34.09
N ILE C 15 0.24 -2.29 -33.91
CA ILE C 15 0.21 -3.57 -33.22
C ILE C 15 -0.43 -4.61 -34.15
N LEU C 16 0.20 -5.78 -34.23
CA LEU C 16 -0.35 -6.93 -34.94
C LEU C 16 -0.54 -8.06 -33.93
N VAL C 17 -1.73 -8.65 -33.93
CA VAL C 17 -2.07 -9.75 -33.03
C VAL C 17 -2.53 -10.94 -33.86
N GLU C 18 -1.92 -12.09 -33.65
CA GLU C 18 -2.29 -13.33 -34.32
C GLU C 18 -2.38 -14.45 -33.30
N LEU C 19 -3.53 -15.10 -33.22
CA LEU C 19 -3.79 -16.17 -32.28
C LEU C 19 -4.21 -17.43 -33.04
N ASP C 20 -3.76 -18.58 -32.55
CA ASP C 20 -4.22 -19.88 -33.01
C ASP C 20 -4.68 -20.67 -31.79
N GLY C 21 -5.98 -20.97 -31.72
CA GLY C 21 -6.53 -21.59 -30.54
C GLY C 21 -7.12 -22.97 -30.75
N ASP C 22 -7.18 -23.76 -29.68
CA ASP C 22 -7.73 -25.12 -29.71
C ASP C 22 -8.37 -25.38 -28.35
N VAL C 23 -9.65 -25.04 -28.23
CA VAL C 23 -10.40 -25.21 -26.99
C VAL C 23 -11.35 -26.38 -27.17
N ASN C 24 -11.13 -27.45 -26.40
CA ASN C 24 -11.97 -28.64 -26.43
C ASN C 24 -12.10 -29.18 -27.86
N GLY C 25 -10.96 -29.28 -28.54
CA GLY C 25 -10.93 -29.74 -29.92
C GLY C 25 -11.39 -28.73 -30.95
N HIS C 26 -12.06 -27.66 -30.56
CA HIS C 26 -12.55 -26.65 -31.49
C HIS C 26 -11.39 -25.74 -31.89
N LYS C 27 -10.90 -25.91 -33.11
CA LYS C 27 -9.77 -25.13 -33.60
C LYS C 27 -10.26 -23.83 -34.24
N PHE C 28 -9.48 -22.77 -34.04
CA PHE C 28 -9.83 -21.46 -34.58
C PHE C 28 -8.58 -20.60 -34.63
N SER C 29 -8.67 -19.52 -35.41
CA SER C 29 -7.60 -18.55 -35.55
C SER C 29 -8.18 -17.15 -35.46
N VAL C 30 -7.41 -16.22 -34.91
CA VAL C 30 -7.84 -14.84 -34.78
C VAL C 30 -6.71 -13.92 -35.25
N SER C 31 -7.04 -13.00 -36.13
CA SER C 31 -6.13 -11.96 -36.58
C SER C 31 -6.58 -10.61 -36.01
N GLY C 32 -5.64 -9.84 -35.50
CA GLY C 32 -5.96 -8.58 -34.86
C GLY C 32 -4.96 -7.50 -35.22
N GLU C 33 -5.46 -6.27 -35.26
CA GLU C 33 -4.64 -5.12 -35.63
C GLU C 33 -5.09 -3.92 -34.81
N GLY C 34 -4.18 -2.96 -34.67
CA GLY C 34 -4.50 -1.74 -33.93
C GLY C 34 -3.26 -0.91 -33.66
N GLU C 35 -3.32 -0.14 -32.58
CA GLU C 35 -2.22 0.73 -32.21
C GLU C 35 -2.24 0.98 -30.71
N GLY C 36 -1.09 1.40 -30.19
CA GLY C 36 -0.96 1.69 -28.78
C GLY C 36 -0.11 2.91 -28.49
N ASP C 37 -0.50 3.68 -27.48
CA ASP C 37 0.20 4.90 -27.08
C ASP C 37 0.65 4.75 -25.65
N ALA C 38 1.95 4.54 -25.44
CA ALA C 38 2.47 4.35 -24.09
C ALA C 38 2.46 5.64 -23.27
N ARG C 39 2.43 6.80 -23.92
CA ARG C 39 2.36 8.05 -23.18
C ARG C 39 1.08 8.15 -22.36
N THR C 40 -0.02 7.58 -22.87
CA THR C 40 -1.29 7.57 -22.16
C THR C 40 -1.74 6.18 -21.74
N GLY C 41 -1.00 5.14 -22.11
CA GLY C 41 -1.45 3.79 -21.85
C GLY C 41 -2.68 3.38 -22.64
N LYS C 42 -2.94 4.05 -23.76
CA LYS C 42 -4.12 3.78 -24.56
C LYS C 42 -3.90 2.58 -25.47
N LEU C 43 -4.97 1.84 -25.72
CA LEU C 43 -4.91 0.62 -26.50
C LEU C 43 -6.18 0.52 -27.33
N THR C 44 -6.02 0.51 -28.65
CA THR C 44 -7.13 0.35 -29.58
C THR C 44 -6.80 -0.78 -30.53
N LEU C 45 -7.60 -1.86 -30.48
CA LEU C 45 -7.36 -3.03 -31.31
C LEU C 45 -8.68 -3.56 -31.84
N LYS C 46 -8.60 -4.24 -32.98
CA LYS C 46 -9.75 -4.93 -33.57
C LYS C 46 -9.32 -6.33 -33.97
N PHE C 47 -10.07 -7.33 -33.52
CA PHE C 47 -9.75 -8.72 -33.77
C PHE C 47 -10.84 -9.36 -34.62
N ILE C 48 -10.43 -10.24 -35.53
CA ILE C 48 -11.33 -10.90 -36.46
C ILE C 48 -11.12 -12.40 -36.37
N CYS C 49 -12.21 -13.16 -36.23
CA CYS C 49 -12.15 -14.62 -36.25
C CYS C 49 -12.05 -15.08 -37.70
N THR C 50 -10.86 -15.54 -38.10
CA THR C 50 -10.60 -15.88 -39.50
C THR C 50 -11.10 -17.25 -39.90
N THR C 51 -11.63 -18.04 -38.96
CA THR C 51 -12.19 -19.35 -39.28
C THR C 51 -13.71 -19.37 -39.19
N GLY C 52 -14.35 -18.22 -39.07
CA GLY C 52 -15.80 -18.15 -39.04
C GLY C 52 -16.34 -17.62 -37.73
N LYS C 53 -17.05 -18.46 -36.99
CA LYS C 53 -17.59 -18.10 -35.69
C LYS C 53 -16.61 -18.51 -34.60
N LEU C 54 -16.48 -17.67 -33.58
CA LEU C 54 -15.61 -18.00 -32.45
C LEU C 54 -16.31 -18.99 -31.54
N PRO C 55 -15.66 -20.12 -31.20
CA PRO C 55 -16.30 -21.10 -30.32
C PRO C 55 -16.30 -20.70 -28.84
N VAL C 56 -15.53 -19.70 -28.45
CA VAL C 56 -15.48 -19.25 -27.06
C VAL C 56 -15.96 -17.80 -27.03
N PRO C 57 -16.37 -17.31 -25.86
CA PRO C 57 -16.74 -15.89 -25.77
C PRO C 57 -15.52 -15.00 -25.95
N TRP C 58 -15.71 -13.93 -26.73
CA TRP C 58 -14.66 -12.93 -26.88
C TRP C 58 -14.09 -12.43 -25.56
N PRO C 59 -14.87 -12.15 -24.51
CA PRO C 59 -14.25 -11.64 -23.27
C PRO C 59 -13.27 -12.60 -22.62
N THR C 60 -13.40 -13.91 -22.85
CA THR C 60 -12.43 -14.84 -22.28
C THR C 60 -11.08 -14.76 -22.98
N LEU C 61 -10.97 -14.01 -24.07
CA LEU C 61 -9.72 -13.91 -24.82
C LEU C 61 -9.11 -12.53 -24.80
N VAL C 62 -9.70 -11.57 -24.07
CA VAL C 62 -9.19 -10.21 -24.05
C VAL C 62 -7.75 -10.17 -23.54
N THR C 63 -7.52 -10.77 -22.36
CA THR C 63 -6.19 -10.72 -21.76
C THR C 63 -5.14 -11.42 -22.62
N THR C 64 -5.52 -12.48 -23.34
CA THR C 64 -4.57 -13.16 -24.19
C THR C 64 -4.14 -12.28 -25.36
N PHE C 65 -5.09 -11.56 -25.94
CA PHE C 65 -4.84 -10.72 -27.11
C PHE C 65 -3.83 -9.62 -26.79
N1 GYS C 66 -4.18 -8.94 -25.54
OG1 GYS C 66 -4.63 -5.54 -24.18
CB1 GYS C 66 -5.03 -6.82 -24.68
CA1 GYS C 66 -3.81 -7.71 -24.79
C1 GYS C 66 -3.32 -8.10 -23.45
N2 GYS C 66 -4.03 -7.87 -22.30
N3 GYS C 66 -2.14 -8.72 -23.21
C2 GYS C 66 -2.08 -8.89 -21.90
O2 GYS C 66 -1.06 -9.46 -21.22
CA2 GYS C 66 -3.29 -8.34 -21.28
CA3 GYS C 66 -1.14 -9.11 -24.20
CB2 GYS C 66 -3.70 -8.29 -19.85
CG2 GYS C 66 -4.97 -7.73 -19.32
CD1 GYS C 66 -5.89 -7.05 -20.11
CD2 GYS C 66 -5.26 -7.93 -17.97
CE1 GYS C 66 -7.08 -6.56 -19.56
CE2 GYS C 66 -6.43 -7.45 -17.42
CZ GYS C 66 -7.35 -6.76 -18.20
OH GYS C 66 -8.50 -6.30 -17.65
C3 GYS C 66 0.14 -8.33 -24.04
O3 GYS C 66 1.07 -8.56 -24.85
N VAL C 67 -0.07 -7.15 -24.91
CA VAL C 67 0.73 -6.03 -25.34
C VAL C 67 0.95 -5.05 -24.19
N GLN C 68 1.26 -5.61 -23.02
CA GLN C 68 1.48 -4.83 -21.81
C GLN C 68 2.68 -3.89 -21.89
N CYS C 69 3.44 -3.94 -22.99
CA CYS C 69 4.52 -2.97 -23.21
C CYS C 69 3.99 -1.59 -23.54
N PHE C 70 2.67 -1.43 -23.67
CA PHE C 70 2.05 -0.13 -23.90
C PHE C 70 1.44 0.46 -22.65
N SER C 71 1.60 -0.21 -21.50
CA SER C 71 1.20 0.39 -20.23
C SER C 71 2.00 1.65 -19.98
N HIS C 72 1.36 2.63 -19.35
CA HIS C 72 2.02 3.89 -19.04
C HIS C 72 2.73 3.77 -17.69
N TYR C 73 4.04 3.98 -17.70
CA TYR C 73 4.81 4.01 -16.46
C TYR C 73 5.12 5.45 -16.11
N PRO C 74 4.58 5.99 -15.02
CA PRO C 74 4.93 7.35 -14.60
C PRO C 74 6.43 7.54 -14.44
N ASP C 75 6.82 8.81 -14.30
CA ASP C 75 8.24 9.18 -14.26
C ASP C 75 8.99 8.42 -13.18
N HIS C 76 8.46 8.42 -11.95
CA HIS C 76 9.14 7.80 -10.82
C HIS C 76 9.13 6.28 -10.86
N MET C 77 8.52 5.65 -11.87
CA MET C 77 8.40 4.21 -11.92
C MET C 77 8.98 3.61 -13.19
N ARG C 78 9.71 4.38 -13.99
CA ARG C 78 10.19 3.87 -15.28
C ARG C 78 11.18 2.73 -15.10
N ARG C 79 11.90 2.69 -13.97
CA ARG C 79 12.84 1.59 -13.72
C ARG C 79 12.14 0.27 -13.44
N HIS C 80 10.81 0.24 -13.41
CA HIS C 80 10.04 -0.97 -13.17
C HIS C 80 9.45 -1.56 -14.45
N ASP C 81 9.77 -0.97 -15.61
CA ASP C 81 9.15 -1.37 -16.88
C ASP C 81 9.96 -2.49 -17.50
N PHE C 82 9.62 -3.73 -17.13
CA PHE C 82 10.28 -4.88 -17.74
C PHE C 82 9.86 -5.03 -19.20
N PHE C 83 8.59 -4.76 -19.51
CA PHE C 83 8.07 -5.00 -20.85
C PHE C 83 8.86 -4.21 -21.89
N LYS C 84 9.09 -2.92 -21.62
CA LYS C 84 9.82 -2.10 -22.59
C LYS C 84 11.31 -2.40 -22.59
N SER C 85 11.85 -2.85 -21.45
CA SER C 85 13.26 -3.20 -21.40
C SER C 85 13.59 -4.39 -22.28
N ALA C 86 12.61 -5.29 -22.49
CA ALA C 86 12.83 -6.44 -23.36
C ALA C 86 12.83 -6.05 -24.83
N MET C 87 12.30 -4.88 -25.18
CA MET C 87 12.25 -4.45 -26.56
C MET C 87 13.64 -4.01 -27.02
N PRO C 88 13.95 -4.14 -28.33
CA PRO C 88 13.08 -4.66 -29.39
C PRO C 88 13.17 -6.18 -29.58
N GLU C 89 14.09 -6.83 -28.85
CA GLU C 89 14.18 -8.28 -28.95
C GLU C 89 12.91 -8.95 -28.43
N GLY C 90 12.24 -8.33 -27.47
CA GLY C 90 10.94 -8.80 -27.03
C GLY C 90 11.00 -9.78 -25.88
N TYR C 91 9.81 -10.22 -25.48
CA TYR C 91 9.67 -11.18 -24.38
C TYR C 91 8.65 -12.25 -24.76
N ARG C 92 8.72 -13.37 -24.04
CA ARG C 92 7.79 -14.47 -24.18
C ARG C 92 6.80 -14.44 -23.02
N GLN C 93 5.52 -14.52 -23.34
CA GLN C 93 4.45 -14.48 -22.34
C GLN C 93 3.73 -15.82 -22.31
N GLU C 94 3.98 -16.59 -21.25
CA GLU C 94 3.24 -17.81 -20.98
C GLU C 94 2.22 -17.55 -19.87
N ARG C 95 1.04 -18.13 -20.01
CA ARG C 95 -0.04 -17.87 -19.07
C ARG C 95 -0.84 -19.15 -18.84
N THR C 96 -1.41 -19.25 -17.64
CA THR C 96 -2.39 -20.27 -17.29
C THR C 96 -3.62 -19.55 -16.75
N ILE C 97 -4.73 -19.64 -17.47
CA ILE C 97 -5.97 -18.97 -17.09
C ILE C 97 -6.94 -20.03 -16.59
N VAL C 98 -7.20 -20.04 -15.29
CA VAL C 98 -8.10 -21.00 -14.68
C VAL C 98 -9.45 -20.33 -14.48
N PHE C 99 -10.49 -20.88 -15.10
CA PHE C 99 -11.86 -20.44 -14.89
C PHE C 99 -12.47 -21.27 -13.77
N LYS C 100 -13.01 -20.59 -12.75
CA LYS C 100 -13.53 -21.29 -11.58
C LYS C 100 -14.65 -22.25 -11.97
N ASP C 101 -14.50 -23.51 -11.54
CA ASP C 101 -15.50 -24.56 -11.78
C ASP C 101 -15.76 -24.74 -13.27
N ASP C 102 -14.71 -24.65 -14.07
CA ASP C 102 -14.82 -24.83 -15.52
C ASP C 102 -13.42 -25.08 -16.07
N GLY C 103 -13.27 -24.96 -17.39
CA GLY C 103 -12.02 -25.29 -18.05
C GLY C 103 -10.92 -24.28 -17.78
N ASN C 104 -9.78 -24.53 -18.41
CA ASN C 104 -8.61 -23.69 -18.25
C ASN C 104 -7.99 -23.42 -19.61
N TYR C 105 -7.27 -22.31 -19.70
CA TYR C 105 -6.50 -21.94 -20.88
C TYR C 105 -5.02 -22.12 -20.61
N LYS C 106 -4.27 -22.43 -21.65
CA LYS C 106 -2.81 -22.41 -21.62
C LYS C 106 -2.34 -21.69 -22.88
N THR C 107 -1.66 -20.56 -22.70
CA THR C 107 -1.25 -19.71 -23.81
C THR C 107 0.25 -19.54 -23.83
N ARG C 108 0.83 -19.60 -25.02
CA ARG C 108 2.24 -19.33 -25.26
C ARG C 108 2.32 -18.22 -26.29
N ALA C 109 2.94 -17.10 -25.93
CA ALA C 109 2.97 -15.93 -26.78
C ALA C 109 4.40 -15.42 -26.94
N GLU C 110 4.63 -14.70 -28.03
CA GLU C 110 5.93 -14.10 -28.34
C GLU C 110 5.67 -12.65 -28.72
N VAL C 111 5.93 -11.74 -27.77
CA VAL C 111 5.75 -10.31 -27.97
C VAL C 111 7.10 -9.72 -28.33
N LYS C 112 7.21 -9.19 -29.54
CA LYS C 112 8.47 -8.61 -30.02
C LYS C 112 8.16 -7.64 -31.14
N PHE C 113 9.19 -6.94 -31.59
CA PHE C 113 9.05 -5.97 -32.67
C PHE C 113 9.34 -6.64 -34.00
N GLU C 114 8.44 -6.42 -34.96
CA GLU C 114 8.64 -6.85 -36.35
C GLU C 114 8.68 -5.58 -37.19
N GLY C 115 9.88 -5.11 -37.48
CA GLY C 115 10.03 -3.80 -38.09
C GLY C 115 9.58 -2.73 -37.12
N ASP C 116 8.61 -1.93 -37.54
CA ASP C 116 8.04 -0.88 -36.70
C ASP C 116 6.78 -1.33 -35.97
N THR C 117 6.32 -2.55 -36.20
CA THR C 117 5.07 -3.05 -35.65
C THR C 117 5.34 -3.95 -34.46
N LEU C 118 4.63 -3.70 -33.35
CA LEU C 118 4.70 -4.57 -32.18
C LEU C 118 3.81 -5.77 -32.44
N ALA C 119 4.41 -6.94 -32.58
CA ALA C 119 3.69 -8.16 -32.92
C ALA C 119 3.46 -9.00 -31.67
N ASN C 120 2.31 -9.69 -31.65
CA ASN C 120 1.95 -10.58 -30.54
C ASN C 120 1.37 -11.85 -31.14
N ARG C 121 2.20 -12.88 -31.27
CA ARG C 121 1.80 -14.17 -31.81
C ARG C 121 1.59 -15.14 -30.65
N ILE C 122 0.37 -15.67 -30.51
CA ILE C 122 0.01 -16.48 -29.36
C ILE C 122 -0.44 -17.86 -29.83
N GLU C 123 -0.20 -18.86 -28.97
CA GLU C 123 -0.68 -20.22 -29.17
C GLU C 123 -1.51 -20.62 -27.95
N LEU C 124 -2.82 -20.77 -28.16
CA LEU C 124 -3.76 -21.00 -27.06
C LEU C 124 -4.29 -22.42 -27.11
N VAL C 125 -4.35 -23.06 -25.94
CA VAL C 125 -4.90 -24.40 -25.79
C VAL C 125 -5.85 -24.41 -24.61
N GLY C 126 -7.09 -24.83 -24.84
CA GLY C 126 -8.07 -24.96 -23.78
C GLY C 126 -8.48 -26.40 -23.62
N SER C 127 -8.91 -26.76 -22.40
CA SER C 127 -9.33 -28.12 -22.12
C SER C 127 -10.18 -28.12 -20.85
N ASP C 128 -10.84 -29.27 -20.62
CA ASP C 128 -11.67 -29.51 -19.44
C ASP C 128 -12.84 -28.53 -19.34
N PHE C 129 -13.26 -27.94 -20.46
CA PHE C 129 -14.38 -27.01 -20.45
C PHE C 129 -15.70 -27.76 -20.55
N LYS C 130 -16.63 -27.42 -19.66
CA LYS C 130 -17.97 -28.02 -19.70
C LYS C 130 -18.76 -27.42 -20.86
N GLU C 131 -19.20 -28.27 -21.78
CA GLU C 131 -19.94 -27.78 -22.95
C GLU C 131 -21.34 -27.29 -22.60
N ASP C 132 -21.80 -27.49 -21.37
CA ASP C 132 -23.13 -27.06 -20.95
C ASP C 132 -23.07 -26.12 -19.74
N GLY C 133 -21.90 -25.57 -19.44
CA GLY C 133 -21.75 -24.68 -18.31
C GLY C 133 -22.30 -23.29 -18.56
N TRP C 134 -21.43 -22.28 -18.46
CA TRP C 134 -21.84 -20.91 -18.74
C TRP C 134 -20.82 -20.12 -19.54
N ILE C 135 -19.71 -20.75 -19.96
CA ILE C 135 -18.73 -20.11 -20.83
C ILE C 135 -18.97 -20.53 -22.26
N MET C 136 -18.82 -21.83 -22.52
CA MET C 136 -18.92 -22.37 -23.87
C MET C 136 -20.32 -22.15 -24.43
N GLY C 137 -20.39 -21.47 -25.58
CA GLY C 137 -21.66 -21.27 -26.26
C GLY C 137 -22.63 -20.34 -25.57
N HIS C 138 -22.14 -19.46 -24.70
CA HIS C 138 -22.99 -18.52 -23.97
C HIS C 138 -22.37 -17.13 -24.00
N LYS C 139 -23.19 -16.14 -23.68
CA LYS C 139 -22.76 -14.74 -23.71
C LYS C 139 -22.11 -14.36 -22.39
N LEU C 140 -21.07 -13.54 -22.48
CA LEU C 140 -20.30 -13.11 -21.33
C LEU C 140 -20.03 -11.61 -21.44
N LYS C 141 -19.69 -11.01 -20.30
CA LYS C 141 -19.42 -9.58 -20.23
C LYS C 141 -18.14 -9.33 -19.43
N PHE C 142 -17.27 -8.50 -19.97
CA PHE C 142 -16.00 -8.17 -19.34
C PHE C 142 -16.22 -7.24 -18.15
N ASN C 143 -15.24 -7.20 -17.25
CA ASN C 143 -15.43 -6.46 -16.00
C ASN C 143 -15.58 -4.96 -16.23
N TYR C 144 -15.01 -4.45 -17.31
CA TYR C 144 -15.19 -3.06 -17.76
C TYR C 144 -14.67 -2.03 -16.76
N ASN C 145 -14.76 -2.32 -15.46
CA ASN C 145 -14.27 -1.42 -14.43
C ASN C 145 -12.78 -1.63 -14.18
N SER C 146 -12.19 -0.75 -13.38
CA SER C 146 -10.77 -0.83 -13.10
C SER C 146 -10.47 -1.94 -12.11
N HIS C 147 -9.42 -2.70 -12.41
CA HIS C 147 -8.92 -3.74 -11.52
C HIS C 147 -7.40 -3.76 -11.63
N ASN C 148 -6.76 -4.51 -10.73
CA ASN C 148 -5.32 -4.47 -10.57
C ASN C 148 -4.65 -5.72 -11.11
N VAL C 149 -3.45 -5.53 -11.66
CA VAL C 149 -2.64 -6.58 -12.24
C VAL C 149 -1.29 -6.56 -11.53
N TYR C 150 -1.05 -7.55 -10.68
CA TYR C 150 0.11 -7.51 -9.79
C TYR C 150 1.32 -8.17 -10.44
N ILE C 151 2.48 -7.54 -10.28
CA ILE C 151 3.73 -7.95 -10.90
C ILE C 151 4.80 -8.05 -9.84
N MET C 152 5.69 -9.03 -9.97
CA MET C 152 6.84 -9.19 -9.09
C MET C 152 8.01 -9.68 -9.93
N PRO C 153 9.24 -9.40 -9.48
CA PRO C 153 10.40 -9.87 -10.24
C PRO C 153 10.66 -11.36 -10.03
N ASP C 154 11.12 -12.00 -11.10
CA ASP C 154 11.53 -13.41 -11.07
C ASP C 154 13.02 -13.44 -11.37
N LYS C 155 13.85 -13.31 -10.33
CA LYS C 155 15.29 -13.22 -10.53
C LYS C 155 15.86 -14.53 -11.09
N GLN C 156 15.28 -15.67 -10.73
CA GLN C 156 15.77 -16.94 -11.26
C GLN C 156 15.58 -17.04 -12.76
N LYS C 157 14.42 -16.60 -13.26
CA LYS C 157 14.14 -16.61 -14.69
C LYS C 157 14.48 -15.29 -15.37
N ASN C 158 15.01 -14.32 -14.62
CA ASN C 158 15.38 -13.01 -15.17
C ASN C 158 14.20 -12.35 -15.89
N GLY C 159 13.03 -12.41 -15.27
CA GLY C 159 11.83 -11.82 -15.84
C GLY C 159 10.90 -11.35 -14.76
N ILE C 160 9.59 -11.52 -14.98
CA ILE C 160 8.58 -11.09 -14.03
C ILE C 160 7.52 -12.17 -13.89
N SER C 161 6.88 -12.20 -12.73
CA SER C 161 5.70 -13.00 -12.50
C SER C 161 4.50 -12.06 -12.40
N VAL C 162 3.43 -12.38 -13.12
CA VAL C 162 2.23 -11.54 -13.18
C VAL C 162 1.04 -12.40 -12.78
N VAL C 163 0.34 -11.97 -11.74
CA VAL C 163 -0.83 -12.68 -11.22
C VAL C 163 -1.96 -11.68 -11.03
N PHE C 164 -3.15 -12.02 -11.51
CA PHE C 164 -4.30 -11.14 -11.35
C PHE C 164 -5.58 -11.95 -11.52
N LYS C 165 -6.69 -11.29 -11.20
CA LYS C 165 -8.01 -11.88 -11.22
C LYS C 165 -8.90 -11.15 -12.22
N ILE C 166 -9.94 -11.82 -12.69
CA ILE C 166 -10.86 -11.25 -13.67
C ILE C 166 -12.28 -11.69 -13.33
N ARG C 167 -13.21 -10.74 -13.32
CA ARG C 167 -14.62 -10.99 -13.03
C ARG C 167 -15.40 -10.89 -14.34
N LEU C 168 -15.91 -12.02 -14.82
CA LEU C 168 -16.76 -12.05 -15.99
C LEU C 168 -18.22 -12.13 -15.56
N ASP C 169 -19.08 -11.42 -16.29
CA ASP C 169 -20.49 -11.30 -15.93
C ASP C 169 -21.32 -12.23 -16.80
N LEU C 170 -21.93 -13.23 -16.19
CA LEU C 170 -22.79 -14.16 -16.90
C LEU C 170 -24.11 -13.49 -17.26
N GLU C 171 -24.92 -14.21 -18.05
CA GLU C 171 -26.18 -13.65 -18.53
C GLU C 171 -27.27 -13.67 -17.46
N ASP C 172 -27.24 -14.65 -16.55
CA ASP C 172 -28.24 -14.72 -15.50
C ASP C 172 -27.94 -13.80 -14.32
N GLY C 173 -26.93 -12.95 -14.43
CA GLY C 173 -26.52 -12.07 -13.35
C GLY C 173 -25.35 -12.59 -12.54
N GLY C 174 -25.03 -13.87 -12.65
CA GLY C 174 -23.94 -14.44 -11.89
C GLY C 174 -22.59 -13.93 -12.36
N VAL C 175 -21.57 -14.22 -11.55
CA VAL C 175 -20.20 -13.75 -11.78
C VAL C 175 -19.29 -14.96 -11.89
N LEU C 176 -18.52 -15.03 -12.97
CA LEU C 176 -17.50 -16.04 -13.17
C LEU C 176 -16.13 -15.40 -12.98
N LEU C 177 -15.24 -16.11 -12.31
CA LEU C 177 -13.92 -15.60 -11.97
C LEU C 177 -12.86 -16.38 -12.74
N ALA C 178 -11.92 -15.66 -13.35
CA ALA C 178 -10.88 -16.26 -14.19
C ALA C 178 -9.52 -15.87 -13.62
N ASP C 179 -8.93 -16.77 -12.82
CA ASP C 179 -7.60 -16.54 -12.28
C ASP C 179 -6.57 -16.62 -13.40
N HIS C 180 -5.66 -15.64 -13.44
CA HIS C 180 -4.61 -15.60 -14.44
C HIS C 180 -3.25 -15.75 -13.76
N TYR C 181 -2.42 -16.64 -14.31
CA TYR C 181 -1.07 -16.85 -13.81
C TYR C 181 -0.11 -16.70 -14.98
N GLN C 182 0.86 -15.80 -14.87
CA GLN C 182 1.62 -15.34 -16.01
C GLN C 182 3.09 -15.24 -15.68
N GLN C 183 3.94 -15.63 -16.62
CA GLN C 183 5.39 -15.56 -16.48
C GLN C 183 5.97 -15.00 -17.77
N ASN C 184 6.61 -13.84 -17.68
CA ASN C 184 7.26 -13.22 -18.82
C ASN C 184 8.78 -13.39 -18.71
N VAL C 185 9.41 -13.72 -19.85
CA VAL C 185 10.86 -13.88 -19.92
C VAL C 185 11.35 -13.19 -21.19
N PRO C 186 12.53 -12.57 -21.18
CA PRO C 186 13.01 -11.90 -22.38
C PRO C 186 13.49 -12.88 -23.44
N LEU C 187 13.38 -12.45 -24.70
CA LEU C 187 13.76 -13.28 -25.83
C LEU C 187 15.23 -13.16 -26.19
N GLY C 188 15.84 -12.00 -25.95
CA GLY C 188 17.24 -11.79 -26.22
C GLY C 188 18.10 -11.88 -24.96
N LYS C 189 19.41 -11.74 -25.17
CA LYS C 189 20.37 -11.84 -24.09
C LYS C 189 20.77 -10.49 -23.51
N GLY C 190 20.18 -9.40 -24.00
CA GLY C 190 20.45 -8.08 -23.49
C GLY C 190 19.93 -7.90 -22.08
N PRO C 191 20.45 -6.89 -21.37
CA PRO C 191 20.01 -6.67 -19.97
C PRO C 191 18.59 -6.13 -19.92
N VAL C 192 17.82 -6.66 -18.97
CA VAL C 192 16.44 -6.26 -18.77
C VAL C 192 16.31 -5.58 -17.42
N LEU C 193 15.12 -5.03 -17.16
CA LEU C 193 14.82 -4.35 -15.91
C LEU C 193 14.11 -5.30 -14.95
N LEU C 194 14.64 -5.42 -13.73
CA LEU C 194 14.02 -6.21 -12.69
C LEU C 194 13.21 -5.30 -11.78
N PRO C 195 11.89 -5.27 -11.91
CA PRO C 195 11.10 -4.30 -11.15
C PRO C 195 10.87 -4.73 -9.71
N ASP C 196 10.49 -3.77 -8.89
CA ASP C 196 10.01 -4.05 -7.55
C ASP C 196 8.55 -4.49 -7.64
N PRO C 197 8.01 -5.07 -6.57
CA PRO C 197 6.56 -5.35 -6.54
C PRO C 197 5.75 -4.11 -6.84
N HIS C 198 4.89 -4.19 -7.85
CA HIS C 198 3.99 -3.10 -8.20
C HIS C 198 2.77 -3.70 -8.88
N TYR C 199 1.94 -2.85 -9.46
CA TYR C 199 0.76 -3.33 -10.18
C TYR C 199 0.41 -2.36 -11.29
N LEU C 200 -0.45 -2.84 -12.20
CA LEU C 200 -0.99 -2.03 -13.28
C LEU C 200 -2.49 -1.86 -13.09
N SER C 201 -2.96 -0.63 -13.20
CA SER C 201 -4.39 -0.35 -13.19
C SER C 201 -4.90 -0.46 -14.62
N THR C 202 -5.80 -1.42 -14.86
CA THR C 202 -6.29 -1.73 -16.20
C THR C 202 -7.78 -1.39 -16.31
N GLN C 203 -8.18 -0.98 -17.50
CA GLN C 203 -9.56 -0.57 -17.78
C GLN C 203 -9.84 -0.85 -19.25
N SER C 204 -10.87 -1.64 -19.53
CA SER C 204 -11.18 -2.03 -20.90
C SER C 204 -12.63 -1.70 -21.22
N VAL C 205 -12.88 -1.40 -22.50
CA VAL C 205 -14.21 -1.16 -23.03
C VAL C 205 -14.38 -1.98 -24.29
N LEU C 206 -15.43 -2.80 -24.35
CA LEU C 206 -15.69 -3.68 -25.48
C LEU C 206 -16.86 -3.14 -26.29
N SER C 207 -16.72 -3.19 -27.61
CA SER C 207 -17.72 -2.66 -28.53
C SER C 207 -17.81 -3.55 -29.75
N LYS C 208 -18.70 -3.19 -30.67
CA LYS C 208 -18.88 -3.93 -31.91
C LYS C 208 -18.77 -2.97 -33.10
N ASP C 209 -18.09 -3.44 -34.14
CA ASP C 209 -17.95 -2.68 -35.38
C ASP C 209 -19.21 -2.87 -36.22
N THR C 210 -19.97 -1.78 -36.42
CA THR C 210 -21.22 -1.88 -37.16
C THR C 210 -21.00 -2.27 -38.61
N ASN C 211 -19.84 -1.91 -39.18
CA ASN C 211 -19.53 -2.18 -40.57
C ASN C 211 -18.82 -3.51 -40.78
N GLU C 212 -18.72 -4.34 -39.76
CA GLU C 212 -18.00 -5.61 -39.84
C GLU C 212 -18.98 -6.77 -39.79
N LYS C 213 -18.92 -7.64 -40.79
CA LYS C 213 -19.84 -8.77 -40.88
C LYS C 213 -19.31 -10.04 -40.24
N ARG C 214 -17.99 -10.20 -40.16
CA ARG C 214 -17.41 -11.38 -39.53
C ARG C 214 -17.49 -11.27 -38.01
N ASP C 215 -17.29 -12.40 -37.35
CA ASP C 215 -17.20 -12.39 -35.89
C ASP C 215 -15.97 -11.62 -35.46
N HIS C 216 -16.15 -10.64 -34.57
CA HIS C 216 -15.14 -9.64 -34.33
C HIS C 216 -15.25 -9.09 -32.92
N MET C 217 -14.23 -8.35 -32.52
CA MET C 217 -14.20 -7.69 -31.22
C MET C 217 -13.36 -6.42 -31.33
N VAL C 218 -13.92 -5.30 -30.88
CA VAL C 218 -13.21 -4.03 -30.81
C VAL C 218 -12.95 -3.72 -29.35
N LEU C 219 -11.70 -3.38 -29.02
CA LEU C 219 -11.28 -3.20 -27.64
C LEU C 219 -10.61 -1.85 -27.45
N LEU C 220 -11.11 -1.09 -26.47
CA LEU C 220 -10.44 0.11 -25.98
C LEU C 220 -9.93 -0.18 -24.57
N GLU C 221 -8.65 0.10 -24.32
CA GLU C 221 -8.03 -0.28 -23.06
C GLU C 221 -7.10 0.83 -22.57
N PHE C 222 -7.09 1.05 -21.26
CA PHE C 222 -6.20 2.02 -20.62
C PHE C 222 -5.51 1.34 -19.45
N VAL C 223 -4.17 1.34 -19.47
CA VAL C 223 -3.37 0.70 -18.43
C VAL C 223 -2.40 1.72 -17.87
N THR C 224 -2.28 1.76 -16.54
CA THR C 224 -1.36 2.67 -15.87
C THR C 224 -0.65 1.91 -14.75
N ALA C 225 0.66 2.06 -14.66
CA ALA C 225 1.42 1.42 -13.61
C ALA C 225 1.33 2.22 -12.31
N ALA C 226 1.38 1.51 -11.19
CA ALA C 226 1.30 2.12 -9.88
C ALA C 226 2.20 1.36 -8.92
N GLY C 227 2.63 2.04 -7.86
CA GLY C 227 3.63 1.50 -6.96
C GLY C 227 3.02 0.81 -5.74
N LEU C 228 3.84 -0.06 -5.14
CA LEU C 228 3.53 -0.71 -3.88
C LEU C 228 4.62 -0.36 -2.87
N PRO C 229 4.28 0.26 -1.73
CA PRO C 229 5.28 0.67 -0.73
C PRO C 229 5.74 -0.46 0.18
N ALA D 2 7.71 31.76 -19.29
CA ALA D 2 6.29 31.52 -19.47
C ALA D 2 5.48 32.17 -18.36
N TYR D 3 4.19 31.83 -18.30
CA TYR D 3 3.32 32.42 -17.31
C TYR D 3 3.45 31.70 -15.96
N PRO D 4 3.32 32.44 -14.86
CA PRO D 4 3.40 31.82 -13.53
C PRO D 4 2.37 30.73 -13.27
N GLY D 5 1.49 30.47 -14.24
CA GLY D 5 0.49 29.43 -14.07
C GLY D 5 0.94 28.09 -14.62
N GLU D 6 1.95 28.10 -15.49
CA GLU D 6 2.34 26.86 -16.17
C GLU D 6 3.04 25.90 -15.22
N GLU D 7 4.04 26.37 -14.48
CA GLU D 7 4.79 25.50 -13.60
C GLU D 7 4.01 25.08 -12.36
N LEU D 8 2.78 25.54 -12.21
CA LEU D 8 1.88 24.95 -11.23
C LEU D 8 1.34 23.60 -11.70
N PHE D 9 1.67 23.19 -12.93
CA PHE D 9 1.21 21.93 -13.51
C PHE D 9 2.37 21.11 -14.04
N THR D 10 3.57 21.26 -13.46
CA THR D 10 4.70 20.43 -13.86
C THR D 10 4.52 18.97 -13.48
N GLY D 11 3.70 18.68 -12.48
CA GLY D 11 3.45 17.32 -12.08
C GLY D 11 1.99 17.05 -11.82
N VAL D 12 1.70 16.16 -10.86
CA VAL D 12 0.33 15.81 -10.53
C VAL D 12 -0.23 16.83 -9.56
N VAL D 13 -1.48 17.23 -9.79
CA VAL D 13 -2.16 18.24 -8.99
C VAL D 13 -3.46 17.64 -8.48
N PRO D 14 -3.75 17.72 -7.18
CA PRO D 14 -5.03 17.21 -6.68
C PRO D 14 -6.19 18.09 -7.11
N ILE D 15 -7.34 17.45 -7.33
CA ILE D 15 -8.54 18.13 -7.78
C ILE D 15 -9.64 17.90 -6.75
N LEU D 16 -10.37 18.97 -6.43
CA LEU D 16 -11.59 18.89 -5.64
C LEU D 16 -12.75 19.43 -6.46
N VAL D 17 -13.87 18.72 -6.46
CA VAL D 17 -15.06 19.11 -7.22
C VAL D 17 -16.24 19.21 -6.26
N GLU D 18 -17.04 20.26 -6.43
CA GLU D 18 -18.25 20.44 -5.65
C GLU D 18 -19.32 21.07 -6.54
N LEU D 19 -20.46 20.40 -6.66
CA LEU D 19 -21.55 20.82 -7.54
C LEU D 19 -22.81 21.00 -6.72
N ASP D 20 -23.51 22.11 -6.95
CA ASP D 20 -24.79 22.41 -6.32
C ASP D 20 -25.80 22.67 -7.44
N GLY D 21 -26.58 21.64 -7.79
CA GLY D 21 -27.47 21.69 -8.92
C GLY D 21 -28.94 21.77 -8.53
N ASP D 22 -29.77 22.03 -9.55
CA ASP D 22 -31.21 22.17 -9.36
C ASP D 22 -31.87 21.97 -10.72
N VAL D 23 -32.42 20.79 -10.95
CA VAL D 23 -33.02 20.43 -12.23
C VAL D 23 -34.51 20.22 -12.01
N ASN D 24 -35.32 21.17 -12.46
CA ASN D 24 -36.78 21.11 -12.36
C ASN D 24 -37.24 20.92 -10.91
N GLY D 25 -36.56 21.57 -9.98
CA GLY D 25 -36.89 21.47 -8.58
C GLY D 25 -36.15 20.38 -7.82
N HIS D 26 -35.66 19.36 -8.51
CA HIS D 26 -34.90 18.29 -7.86
C HIS D 26 -33.52 18.84 -7.50
N LYS D 27 -33.36 19.27 -6.25
CA LYS D 27 -32.07 19.75 -5.79
C LYS D 27 -31.16 18.58 -5.43
N PHE D 28 -29.86 18.81 -5.52
CA PHE D 28 -28.88 17.77 -5.25
C PHE D 28 -27.50 18.41 -5.10
N SER D 29 -26.55 17.62 -4.63
CA SER D 29 -25.17 18.05 -4.45
C SER D 29 -24.25 16.88 -4.77
N VAL D 30 -23.15 17.18 -5.47
CA VAL D 30 -22.16 16.18 -5.85
C VAL D 30 -20.79 16.68 -5.42
N SER D 31 -20.03 15.81 -4.74
CA SER D 31 -18.65 16.10 -4.36
C SER D 31 -17.71 15.20 -5.16
N GLY D 32 -16.60 15.78 -5.63
CA GLY D 32 -15.66 15.05 -6.46
C GLY D 32 -14.24 15.25 -5.96
N GLU D 33 -13.40 14.29 -6.33
CA GLU D 33 -12.00 14.30 -5.89
C GLU D 33 -11.17 13.47 -6.86
N GLY D 34 -9.92 13.87 -7.04
CA GLY D 34 -9.03 13.15 -7.93
C GLY D 34 -7.77 13.95 -8.20
N GLU D 35 -7.05 13.55 -9.24
CA GLU D 35 -5.78 14.17 -9.61
C GLU D 35 -5.76 14.46 -11.10
N GLY D 36 -4.80 15.28 -11.50
CA GLY D 36 -4.64 15.64 -12.91
C GLY D 36 -3.21 15.89 -13.30
N ASP D 37 -2.82 15.43 -14.49
CA ASP D 37 -1.44 15.53 -14.98
C ASP D 37 -1.46 16.22 -16.34
N ALA D 38 -1.06 17.49 -16.37
CA ALA D 38 -1.05 18.26 -17.61
C ALA D 38 0.04 17.80 -18.59
N ARG D 39 1.01 17.03 -18.14
CA ARG D 39 2.06 16.56 -19.04
C ARG D 39 1.50 15.61 -20.10
N THR D 40 0.57 14.74 -19.70
CA THR D 40 -0.09 13.82 -20.63
C THR D 40 -1.56 14.16 -20.83
N GLY D 41 -2.09 15.16 -20.12
CA GLY D 41 -3.52 15.43 -20.18
C GLY D 41 -4.37 14.43 -19.44
N LYS D 42 -3.78 13.63 -18.56
CA LYS D 42 -4.51 12.60 -17.86
C LYS D 42 -5.37 13.19 -16.74
N LEU D 43 -6.57 12.64 -16.58
CA LEU D 43 -7.48 13.07 -15.53
C LEU D 43 -8.14 11.83 -14.92
N THR D 44 -8.03 11.69 -13.61
CA THR D 44 -8.64 10.58 -12.88
C THR D 44 -9.45 11.18 -11.73
N LEU D 45 -10.77 11.26 -11.92
CA LEU D 45 -11.65 11.87 -10.94
C LEU D 45 -12.75 10.89 -10.54
N LYS D 46 -13.26 11.07 -9.32
CA LYS D 46 -14.36 10.27 -8.79
C LYS D 46 -15.36 11.21 -8.15
N PHE D 47 -16.64 11.06 -8.51
CA PHE D 47 -17.70 11.93 -8.04
C PHE D 47 -18.74 11.10 -7.29
N ILE D 48 -19.39 11.74 -6.31
CA ILE D 48 -20.34 11.05 -5.44
C ILE D 48 -21.51 12.01 -5.16
N CYS D 49 -22.73 11.48 -5.28
CA CYS D 49 -23.93 12.25 -4.99
C CYS D 49 -24.14 12.25 -3.49
N THR D 50 -23.78 13.36 -2.84
CA THR D 50 -23.87 13.46 -1.38
C THR D 50 -25.31 13.45 -0.89
N THR D 51 -26.28 13.76 -1.75
CA THR D 51 -27.69 13.77 -1.36
C THR D 51 -28.40 12.45 -1.62
N GLY D 52 -27.66 11.42 -2.03
CA GLY D 52 -28.26 10.12 -2.28
C GLY D 52 -28.19 9.68 -3.73
N LYS D 53 -29.33 9.67 -4.41
CA LYS D 53 -29.41 9.29 -5.81
C LYS D 53 -29.41 10.53 -6.69
N LEU D 54 -28.80 10.40 -7.86
CA LEU D 54 -28.75 11.52 -8.80
C LEU D 54 -30.05 11.57 -9.61
N PRO D 55 -30.76 12.70 -9.63
CA PRO D 55 -31.99 12.78 -10.41
C PRO D 55 -31.76 12.86 -11.91
N VAL D 56 -30.57 13.25 -12.34
CA VAL D 56 -30.24 13.38 -13.76
C VAL D 56 -29.18 12.35 -14.08
N PRO D 57 -29.05 11.95 -15.35
CA PRO D 57 -28.03 10.95 -15.70
C PRO D 57 -26.63 11.47 -15.44
N TRP D 58 -25.76 10.59 -14.97
CA TRP D 58 -24.37 10.96 -14.71
C TRP D 58 -23.66 11.54 -15.94
N PRO D 59 -23.76 10.95 -17.13
CA PRO D 59 -23.01 11.51 -18.28
C PRO D 59 -23.43 12.91 -18.67
N THR D 60 -24.61 13.38 -18.26
CA THR D 60 -25.01 14.74 -18.59
C THR D 60 -24.26 15.78 -17.78
N LEU D 61 -23.60 15.39 -16.70
CA LEU D 61 -22.83 16.31 -15.87
C LEU D 61 -21.33 16.13 -16.02
N VAL D 62 -20.89 15.28 -16.95
CA VAL D 62 -19.46 15.05 -17.13
C VAL D 62 -18.75 16.33 -17.54
N THR D 63 -19.30 17.03 -18.53
CA THR D 63 -18.67 18.25 -19.03
C THR D 63 -18.62 19.33 -17.95
N THR D 64 -19.68 19.43 -17.15
CA THR D 64 -19.72 20.44 -16.10
C THR D 64 -18.65 20.17 -15.04
N PHE D 65 -18.53 18.93 -14.61
CA PHE D 65 -17.57 18.52 -13.59
C PHE D 65 -16.14 18.91 -13.96
N1 GYS D 66 -16.14 18.27 -15.28
OG1 GYS D 66 -13.21 16.44 -16.47
CB1 GYS D 66 -14.61 16.69 -16.31
CA1 GYS D 66 -14.83 18.15 -15.94
C1 GYS D 66 -14.81 18.99 -17.16
N2 GYS D 66 -14.95 18.52 -18.45
N3 GYS D 66 -14.65 20.34 -17.12
C2 GYS D 66 -14.70 20.75 -18.38
O2 GYS D 66 -14.58 22.04 -18.80
CA2 GYS D 66 -14.89 19.60 -19.26
CA3 GYS D 66 -14.49 21.16 -15.92
CB2 GYS D 66 -14.98 19.58 -20.74
CG2 GYS D 66 -15.19 18.44 -21.67
CD1 GYS D 66 -15.54 18.78 -22.96
CD2 GYS D 66 -15.06 17.09 -21.34
CE1 GYS D 66 -15.76 17.81 -23.93
CE2 GYS D 66 -15.29 16.10 -22.33
CZ GYS D 66 -15.64 16.46 -23.63
OH GYS D 66 -15.86 15.53 -24.62
C3 GYS D 66 -13.40 22.19 -16.09
O3 GYS D 66 -13.26 23.05 -15.20
N VAL D 67 -12.23 21.79 -15.30
CA VAL D 67 -10.84 21.51 -14.99
C VAL D 67 -10.04 21.35 -16.29
N GLN D 68 -10.40 22.15 -17.29
CA GLN D 68 -9.72 22.13 -18.58
C GLN D 68 -8.29 22.63 -18.50
N CYS D 69 -7.86 23.11 -17.33
CA CYS D 69 -6.47 23.53 -17.11
C CYS D 69 -5.50 22.35 -17.09
N PHE D 70 -5.99 21.13 -17.15
CA PHE D 70 -5.14 19.95 -17.18
C PHE D 70 -4.97 19.38 -18.58
N SER D 71 -5.50 20.04 -19.60
CA SER D 71 -5.21 19.65 -20.96
C SER D 71 -3.73 19.81 -21.24
N HIS D 72 -3.17 18.89 -22.02
CA HIS D 72 -1.76 18.95 -22.38
C HIS D 72 -1.60 19.86 -23.59
N TYR D 73 -0.79 20.90 -23.43
CA TYR D 73 -0.50 21.82 -24.53
C TYR D 73 0.93 21.56 -25.01
N PRO D 74 1.12 21.10 -26.24
CA PRO D 74 2.48 20.86 -26.75
C PRO D 74 3.33 22.12 -26.75
N ASP D 75 4.63 21.92 -26.94
CA ASP D 75 5.59 23.02 -26.79
C ASP D 75 5.32 24.14 -27.78
N HIS D 76 4.88 23.79 -28.99
CA HIS D 76 4.63 24.80 -30.02
C HIS D 76 3.33 25.55 -29.82
N MET D 77 2.54 25.20 -28.80
CA MET D 77 1.25 25.85 -28.57
C MET D 77 1.04 26.27 -27.13
N ARG D 78 2.12 26.34 -26.34
CA ARG D 78 1.98 26.76 -24.95
C ARG D 78 1.56 28.21 -24.82
N ARG D 79 1.77 29.01 -25.87
CA ARG D 79 1.33 30.41 -25.87
C ARG D 79 -0.18 30.56 -26.09
N HIS D 80 -0.90 29.46 -26.30
CA HIS D 80 -2.35 29.50 -26.47
C HIS D 80 -3.09 28.96 -25.25
N ASP D 81 -2.39 28.67 -24.16
CA ASP D 81 -2.98 28.03 -22.99
C ASP D 81 -3.55 29.11 -22.07
N PHE D 82 -4.82 29.47 -22.29
CA PHE D 82 -5.46 30.45 -21.42
C PHE D 82 -5.82 29.86 -20.05
N PHE D 83 -6.12 28.56 -20.00
CA PHE D 83 -6.51 27.94 -18.74
C PHE D 83 -5.41 28.06 -17.69
N LYS D 84 -4.22 27.54 -18.02
CA LYS D 84 -3.09 27.67 -17.12
C LYS D 84 -2.64 29.12 -16.95
N SER D 85 -2.97 29.98 -17.92
CA SER D 85 -2.51 31.37 -17.86
C SER D 85 -3.13 32.12 -16.68
N ALA D 86 -4.42 31.92 -16.45
CA ALA D 86 -5.14 32.63 -15.39
C ALA D 86 -4.90 32.05 -14.01
N MET D 87 -3.93 31.18 -13.86
CA MET D 87 -3.61 30.58 -12.57
C MET D 87 -2.56 31.42 -11.84
N PRO D 88 -2.52 31.37 -10.49
CA PRO D 88 -3.34 30.52 -9.61
C PRO D 88 -4.67 31.15 -9.16
N GLU D 89 -4.92 32.40 -9.56
CA GLU D 89 -6.18 33.02 -9.18
C GLU D 89 -7.36 32.34 -9.85
N GLY D 90 -7.17 31.78 -11.03
CA GLY D 90 -8.21 31.01 -11.68
C GLY D 90 -9.09 31.82 -12.60
N TYR D 91 -10.13 31.14 -13.09
CA TYR D 91 -11.07 31.72 -14.04
C TYR D 91 -12.48 31.26 -13.71
N ARG D 92 -13.45 32.01 -14.24
CA ARG D 92 -14.86 31.67 -14.13
C ARG D 92 -15.31 30.97 -15.41
N GLN D 93 -16.10 29.91 -15.25
CA GLN D 93 -16.60 29.15 -16.39
C GLN D 93 -18.12 29.12 -16.35
N GLU D 94 -18.74 29.82 -17.29
CA GLU D 94 -20.18 29.80 -17.48
C GLU D 94 -20.50 28.96 -18.71
N ARG D 95 -21.59 28.20 -18.64
CA ARG D 95 -21.89 27.23 -19.68
C ARG D 95 -23.39 27.09 -19.84
N THR D 96 -23.86 27.13 -21.09
CA THR D 96 -25.24 26.84 -21.44
C THR D 96 -25.24 25.55 -22.25
N ILE D 97 -25.84 24.51 -21.69
CA ILE D 97 -25.94 23.20 -22.36
C ILE D 97 -27.36 23.07 -22.87
N VAL D 98 -27.51 22.82 -24.17
CA VAL D 98 -28.81 22.68 -24.80
C VAL D 98 -28.94 21.24 -25.28
N PHE D 99 -29.87 20.50 -24.69
CA PHE D 99 -30.18 19.14 -25.12
C PHE D 99 -31.28 19.21 -26.18
N LYS D 100 -31.04 18.55 -27.31
CA LYS D 100 -31.97 18.64 -28.43
C LYS D 100 -33.33 18.06 -28.08
N ASP D 101 -34.38 18.85 -28.33
CA ASP D 101 -35.76 18.45 -28.05
C ASP D 101 -35.96 18.11 -26.57
N ASP D 102 -35.29 18.85 -25.70
CA ASP D 102 -35.38 18.62 -24.27
C ASP D 102 -35.03 19.93 -23.55
N GLY D 103 -34.61 19.83 -22.30
CA GLY D 103 -34.30 20.99 -21.49
C GLY D 103 -32.88 21.48 -21.69
N ASN D 104 -32.48 22.41 -20.82
CA ASN D 104 -31.18 23.04 -20.91
C ASN D 104 -30.58 23.23 -19.53
N TYR D 105 -29.25 23.19 -19.47
CA TYR D 105 -28.50 23.47 -18.26
C TYR D 105 -27.92 24.89 -18.32
N LYS D 106 -27.69 25.46 -17.14
CA LYS D 106 -26.99 26.74 -17.01
C LYS D 106 -26.07 26.62 -15.81
N THR D 107 -24.76 26.64 -16.06
CA THR D 107 -23.77 26.36 -15.03
C THR D 107 -22.89 27.58 -14.81
N ARG D 108 -22.51 27.79 -13.54
CA ARG D 108 -21.56 28.82 -13.16
C ARG D 108 -20.50 28.18 -12.28
N ALA D 109 -19.26 28.16 -12.75
CA ALA D 109 -18.17 27.49 -12.07
C ALA D 109 -17.08 28.48 -11.70
N GLU D 110 -16.32 28.14 -10.66
CA GLU D 110 -15.16 28.91 -10.25
C GLU D 110 -14.00 27.93 -10.10
N VAL D 111 -13.13 27.91 -11.10
CA VAL D 111 -11.96 27.04 -11.11
C VAL D 111 -10.76 27.87 -10.64
N LYS D 112 -10.21 27.50 -9.50
CA LYS D 112 -9.07 28.24 -8.94
C LYS D 112 -8.28 27.32 -8.03
N PHE D 113 -7.13 27.81 -7.60
CA PHE D 113 -6.27 27.08 -6.68
C PHE D 113 -6.67 27.40 -5.24
N GLU D 114 -6.79 26.37 -4.42
CA GLU D 114 -7.01 26.51 -2.98
C GLU D 114 -5.90 25.72 -2.30
N GLY D 115 -4.81 26.43 -1.98
CA GLY D 115 -3.63 25.73 -1.48
C GLY D 115 -2.96 24.98 -2.61
N ASP D 116 -2.65 23.71 -2.38
CA ASP D 116 -2.07 22.85 -3.39
C ASP D 116 -3.13 22.07 -4.18
N THR D 117 -4.41 22.36 -3.95
CA THR D 117 -5.51 21.65 -4.57
C THR D 117 -6.19 22.54 -5.60
N LEU D 118 -6.68 21.94 -6.68
CA LEU D 118 -7.45 22.63 -7.69
C LEU D 118 -8.93 22.38 -7.44
N ALA D 119 -9.66 23.45 -7.16
CA ALA D 119 -11.08 23.35 -6.81
C ALA D 119 -11.94 23.76 -7.99
N ASN D 120 -13.07 23.06 -8.14
CA ASN D 120 -14.08 23.37 -9.16
C ASN D 120 -15.42 23.46 -8.42
N ARG D 121 -15.77 24.67 -7.98
CA ARG D 121 -17.03 24.93 -7.30
C ARG D 121 -18.04 25.43 -8.33
N ILE D 122 -19.07 24.63 -8.58
CA ILE D 122 -20.01 24.89 -9.67
C ILE D 122 -21.42 25.03 -9.13
N GLU D 123 -22.20 25.88 -9.77
CA GLU D 123 -23.63 26.04 -9.50
C GLU D 123 -24.38 25.79 -10.81
N LEU D 124 -25.26 24.80 -10.81
CA LEU D 124 -25.96 24.36 -12.01
C LEU D 124 -27.46 24.53 -11.84
N VAL D 125 -28.11 25.04 -12.88
CA VAL D 125 -29.57 25.16 -12.93
C VAL D 125 -30.08 24.46 -14.17
N GLY D 126 -31.19 23.75 -14.02
CA GLY D 126 -31.84 23.10 -15.14
C GLY D 126 -33.32 23.45 -15.18
N SER D 127 -33.84 23.52 -16.40
CA SER D 127 -35.24 23.86 -16.58
C SER D 127 -35.70 23.31 -17.93
N ASP D 128 -37.02 23.29 -18.12
CA ASP D 128 -37.68 22.91 -19.36
C ASP D 128 -37.38 21.46 -19.77
N PHE D 129 -37.00 20.61 -18.81
CA PHE D 129 -36.84 19.19 -19.09
C PHE D 129 -38.17 18.47 -18.91
N LYS D 130 -38.54 17.65 -19.89
CA LYS D 130 -39.77 16.88 -19.79
C LYS D 130 -39.64 15.81 -18.71
N GLU D 131 -40.78 15.49 -18.08
CA GLU D 131 -40.77 14.44 -17.07
C GLU D 131 -40.49 13.08 -17.68
N ASP D 132 -40.84 12.89 -18.95
CA ASP D 132 -40.56 11.65 -19.68
C ASP D 132 -39.51 11.85 -20.76
N GLY D 133 -38.72 12.91 -20.67
CA GLY D 133 -37.71 13.20 -21.66
C GLY D 133 -36.49 12.29 -21.53
N TRP D 134 -35.50 12.56 -22.37
CA TRP D 134 -34.29 11.76 -22.40
C TRP D 134 -33.39 12.00 -21.19
N ILE D 135 -33.67 13.01 -20.37
CA ILE D 135 -32.86 13.35 -19.21
C ILE D 135 -33.55 12.92 -17.91
N MET D 136 -34.72 13.48 -17.62
CA MET D 136 -35.43 13.15 -16.39
C MET D 136 -36.01 11.74 -16.40
N GLY D 137 -35.91 11.03 -17.52
CA GLY D 137 -36.48 9.70 -17.62
C GLY D 137 -35.47 8.60 -17.89
N HIS D 138 -35.36 8.18 -19.15
CA HIS D 138 -34.48 7.08 -19.50
C HIS D 138 -33.02 7.51 -19.41
N LYS D 139 -32.20 6.65 -18.80
CA LYS D 139 -30.77 6.94 -18.66
C LYS D 139 -30.05 6.75 -19.99
N LEU D 140 -28.80 7.20 -20.03
CA LEU D 140 -28.00 7.17 -21.25
C LEU D 140 -26.56 6.81 -20.88
N LYS D 141 -25.65 6.94 -21.84
CA LYS D 141 -24.24 6.65 -21.63
C LYS D 141 -23.38 7.61 -22.44
N PHE D 142 -22.23 7.97 -21.87
CA PHE D 142 -21.32 8.92 -22.48
C PHE D 142 -20.40 8.20 -23.48
N ASN D 143 -20.21 8.82 -24.65
CA ASN D 143 -19.42 8.21 -25.70
C ASN D 143 -17.93 8.22 -25.33
N TYR D 144 -17.30 7.05 -25.38
CA TYR D 144 -15.91 6.88 -25.02
C TYR D 144 -14.95 7.14 -26.18
N ASN D 145 -15.40 7.85 -27.21
CA ASN D 145 -14.58 8.15 -28.37
C ASN D 145 -14.07 9.59 -28.31
N SER D 146 -12.99 9.83 -29.04
CA SER D 146 -12.38 11.15 -29.06
C SER D 146 -13.24 12.13 -29.85
N HIS D 147 -13.44 13.32 -29.29
CA HIS D 147 -14.16 14.38 -29.98
C HIS D 147 -13.38 15.68 -29.79
N ASN D 148 -13.80 16.71 -30.53
CA ASN D 148 -13.07 17.96 -30.60
C ASN D 148 -13.83 19.08 -29.88
N VAL D 149 -13.09 19.90 -29.14
CA VAL D 149 -13.63 21.03 -28.39
C VAL D 149 -12.92 22.28 -28.88
N TYR D 150 -13.65 23.14 -29.58
CA TYR D 150 -13.04 24.26 -30.27
C TYR D 150 -13.02 25.52 -29.40
N ILE D 151 -11.94 26.29 -29.51
CA ILE D 151 -11.69 27.46 -28.68
C ILE D 151 -11.27 28.62 -29.57
N MET D 152 -11.79 29.81 -29.30
CA MET D 152 -11.25 31.06 -29.80
C MET D 152 -11.16 32.07 -28.67
N PRO D 153 -10.37 33.13 -28.84
CA PRO D 153 -10.30 34.16 -27.81
C PRO D 153 -11.48 35.12 -27.86
N ASP D 154 -11.79 35.69 -26.70
CA ASP D 154 -12.78 36.75 -26.56
C ASP D 154 -12.03 38.00 -26.09
N LYS D 155 -11.65 38.86 -27.04
CA LYS D 155 -10.78 39.98 -26.73
C LYS D 155 -11.45 40.97 -25.78
N GLN D 156 -12.70 41.32 -26.06
CA GLN D 156 -13.40 42.31 -25.24
C GLN D 156 -13.63 41.83 -23.81
N LYS D 157 -13.65 40.53 -23.58
CA LYS D 157 -13.80 39.98 -22.24
C LYS D 157 -12.47 39.51 -21.65
N ASN D 158 -11.37 39.67 -22.39
CA ASN D 158 -10.06 39.18 -21.97
C ASN D 158 -10.08 37.68 -21.66
N GLY D 159 -10.96 36.94 -22.32
CA GLY D 159 -11.10 35.52 -22.06
C GLY D 159 -11.15 34.69 -23.33
N ILE D 160 -11.82 33.54 -23.27
CA ILE D 160 -11.92 32.64 -24.42
C ILE D 160 -13.36 32.21 -24.59
N SER D 161 -13.75 31.96 -25.84
CA SER D 161 -15.02 31.35 -26.17
C SER D 161 -14.77 29.89 -26.48
N VAL D 162 -15.64 29.02 -25.96
CA VAL D 162 -15.53 27.58 -26.15
C VAL D 162 -16.92 27.04 -26.42
N VAL D 163 -17.09 26.35 -27.56
CA VAL D 163 -18.33 25.66 -27.86
C VAL D 163 -17.99 24.30 -28.46
N PHE D 164 -18.87 23.32 -28.20
CA PHE D 164 -18.64 21.97 -28.69
C PHE D 164 -19.94 21.18 -28.57
N LYS D 165 -19.97 20.04 -29.25
CA LYS D 165 -21.12 19.15 -29.27
C LYS D 165 -20.82 17.89 -28.45
N ILE D 166 -21.86 17.32 -27.86
CA ILE D 166 -21.75 16.11 -27.06
C ILE D 166 -22.76 15.10 -27.59
N ARG D 167 -22.30 13.88 -27.86
CA ARG D 167 -23.13 12.81 -28.38
C ARG D 167 -23.41 11.81 -27.26
N LEU D 168 -24.67 11.68 -26.87
CA LEU D 168 -25.09 10.80 -25.80
C LEU D 168 -25.88 9.64 -26.40
N ASP D 169 -25.36 8.43 -26.23
CA ASP D 169 -26.05 7.24 -26.73
C ASP D 169 -27.24 6.90 -25.85
N LEU D 170 -28.40 6.73 -26.47
CA LEU D 170 -29.62 6.40 -25.75
C LEU D 170 -29.76 4.90 -25.59
N GLU D 171 -30.57 4.50 -24.60
CA GLU D 171 -30.81 3.09 -24.35
C GLU D 171 -31.58 2.42 -25.48
N ASP D 172 -32.25 3.20 -26.34
CA ASP D 172 -33.00 2.67 -27.47
C ASP D 172 -32.25 2.83 -28.79
N GLY D 173 -30.92 2.82 -28.74
CA GLY D 173 -30.12 2.94 -29.94
C GLY D 173 -30.03 4.34 -30.53
N GLY D 174 -30.80 5.28 -30.03
CA GLY D 174 -30.80 6.64 -30.55
C GLY D 174 -29.60 7.44 -30.06
N VAL D 175 -29.63 8.73 -30.39
CA VAL D 175 -28.56 9.66 -30.03
C VAL D 175 -29.20 10.98 -29.64
N LEU D 176 -28.78 11.53 -28.49
CA LEU D 176 -29.26 12.82 -28.02
C LEU D 176 -28.09 13.80 -28.04
N LEU D 177 -28.12 14.73 -28.98
CA LEU D 177 -27.05 15.71 -29.10
C LEU D 177 -27.23 16.81 -28.06
N ALA D 178 -26.11 17.19 -27.43
CA ALA D 178 -26.10 18.24 -26.41
C ALA D 178 -25.09 19.29 -26.82
N ASP D 179 -25.57 20.49 -27.15
CA ASP D 179 -24.72 21.59 -27.56
C ASP D 179 -24.23 22.36 -26.35
N HIS D 180 -22.93 22.62 -26.29
CA HIS D 180 -22.31 23.32 -25.18
C HIS D 180 -21.79 24.67 -25.68
N TYR D 181 -22.22 25.74 -25.02
CA TYR D 181 -21.68 27.08 -25.24
C TYR D 181 -21.05 27.54 -23.94
N GLN D 182 -19.83 28.04 -24.01
CA GLN D 182 -19.03 28.27 -22.80
C GLN D 182 -18.22 29.55 -22.92
N GLN D 183 -18.29 30.38 -21.89
CA GLN D 183 -17.47 31.58 -21.76
C GLN D 183 -16.55 31.42 -20.56
N ASN D 184 -15.30 31.83 -20.71
CA ASN D 184 -14.34 31.82 -19.63
C ASN D 184 -13.79 33.23 -19.44
N VAL D 185 -13.70 33.66 -18.18
CA VAL D 185 -13.24 35.00 -17.84
C VAL D 185 -12.25 34.88 -16.69
N PRO D 186 -11.11 35.58 -16.73
CA PRO D 186 -10.14 35.45 -15.65
C PRO D 186 -10.65 36.06 -14.35
N LEU D 187 -10.18 35.52 -13.24
CA LEU D 187 -10.49 36.06 -11.92
C LEU D 187 -9.49 37.12 -11.48
N GLY D 188 -8.19 36.85 -11.67
CA GLY D 188 -7.18 37.83 -11.33
C GLY D 188 -7.08 38.95 -12.36
N LYS D 189 -6.44 40.04 -11.93
CA LYS D 189 -6.29 41.22 -12.78
C LYS D 189 -5.08 41.14 -13.71
N GLY D 190 -4.16 40.20 -13.48
CA GLY D 190 -2.99 40.08 -14.31
C GLY D 190 -3.34 39.67 -15.73
N PRO D 191 -2.50 40.07 -16.69
CA PRO D 191 -2.78 39.72 -18.08
C PRO D 191 -2.74 38.22 -18.30
N VAL D 192 -3.59 37.75 -19.21
CA VAL D 192 -3.67 36.33 -19.53
C VAL D 192 -3.29 36.14 -20.99
N LEU D 193 -3.10 34.88 -21.38
CA LEU D 193 -2.78 34.55 -22.76
C LEU D 193 -4.06 34.60 -23.59
N LEU D 194 -4.04 35.40 -24.66
CA LEU D 194 -5.13 35.40 -25.62
C LEU D 194 -4.76 34.44 -26.74
N PRO D 195 -5.39 33.27 -26.81
CA PRO D 195 -4.93 32.23 -27.75
C PRO D 195 -5.41 32.50 -29.17
N ASP D 196 -4.79 31.79 -30.10
CA ASP D 196 -5.34 31.69 -31.44
C ASP D 196 -6.44 30.64 -31.46
N PRO D 197 -7.41 30.75 -32.38
CA PRO D 197 -8.41 29.68 -32.53
C PRO D 197 -7.77 28.32 -32.66
N HIS D 198 -8.12 27.40 -31.77
CA HIS D 198 -7.59 26.05 -31.78
C HIS D 198 -8.64 25.11 -31.19
N TYR D 199 -8.25 23.88 -30.90
CA TYR D 199 -9.18 22.92 -30.35
C TYR D 199 -8.45 21.95 -29.43
N LEU D 200 -9.25 21.18 -28.68
CA LEU D 200 -8.74 20.16 -27.78
C LEU D 200 -9.32 18.82 -28.17
N SER D 201 -8.46 17.81 -28.32
CA SER D 201 -8.90 16.45 -28.56
C SER D 201 -9.19 15.80 -27.21
N THR D 202 -10.44 15.43 -26.99
CA THR D 202 -10.91 15.00 -25.68
C THR D 202 -11.50 13.60 -25.77
N GLN D 203 -11.14 12.75 -24.80
CA GLN D 203 -11.68 11.40 -24.68
C GLN D 203 -11.95 11.11 -23.22
N SER D 204 -13.13 10.57 -22.93
CA SER D 204 -13.54 10.30 -21.56
C SER D 204 -14.16 8.91 -21.50
N VAL D 205 -13.76 8.13 -20.50
CA VAL D 205 -14.28 6.79 -20.27
C VAL D 205 -14.99 6.77 -18.92
N LEU D 206 -16.24 6.33 -18.91
CA LEU D 206 -17.04 6.23 -17.70
C LEU D 206 -16.98 4.81 -17.15
N SER D 207 -16.99 4.71 -15.82
CA SER D 207 -16.96 3.42 -15.15
C SER D 207 -17.56 3.59 -13.76
N LYS D 208 -17.56 2.51 -13.00
CA LYS D 208 -18.02 2.51 -11.62
C LYS D 208 -16.91 1.99 -10.72
N ASP D 209 -17.12 2.16 -9.41
CA ASP D 209 -16.25 1.61 -8.39
C ASP D 209 -16.97 0.44 -7.74
N THR D 210 -16.40 -0.77 -7.87
CA THR D 210 -17.05 -1.95 -7.34
C THR D 210 -17.20 -1.92 -5.83
N ASN D 211 -16.35 -1.15 -5.13
CA ASN D 211 -16.42 -1.02 -3.68
C ASN D 211 -17.14 0.25 -3.24
N GLU D 212 -18.13 0.70 -4.02
CA GLU D 212 -18.88 1.91 -3.71
C GLU D 212 -20.37 1.59 -3.66
N LYS D 213 -21.00 1.93 -2.54
CA LYS D 213 -22.43 1.69 -2.36
C LYS D 213 -23.28 2.89 -2.75
N ARG D 214 -22.73 4.09 -2.68
CA ARG D 214 -23.46 5.30 -3.03
C ARG D 214 -23.50 5.48 -4.54
N ASP D 215 -24.37 6.40 -4.98
CA ASP D 215 -24.41 6.78 -6.38
C ASP D 215 -23.17 7.61 -6.72
N HIS D 216 -22.44 7.18 -7.75
CA HIS D 216 -21.12 7.71 -8.02
C HIS D 216 -20.82 7.59 -9.51
N MET D 217 -19.64 8.04 -9.90
CA MET D 217 -19.12 7.85 -11.24
C MET D 217 -17.61 8.03 -11.22
N VAL D 218 -16.90 7.15 -11.91
CA VAL D 218 -15.45 7.24 -12.08
C VAL D 218 -15.19 7.71 -13.50
N LEU D 219 -14.31 8.71 -13.64
CA LEU D 219 -14.06 9.35 -14.93
C LEU D 219 -12.57 9.35 -15.23
N LEU D 220 -12.21 8.87 -16.42
CA LEU D 220 -10.84 8.94 -16.93
C LEU D 220 -10.87 9.77 -18.20
N GLU D 221 -10.15 10.88 -18.21
CA GLU D 221 -10.16 11.81 -19.32
C GLU D 221 -8.75 12.14 -19.77
N PHE D 222 -8.53 12.12 -21.08
CA PHE D 222 -7.29 12.57 -21.69
C PHE D 222 -7.61 13.70 -22.66
N VAL D 223 -6.94 14.84 -22.49
CA VAL D 223 -7.17 16.02 -23.32
C VAL D 223 -5.83 16.47 -23.87
N THR D 224 -5.78 16.75 -25.18
CA THR D 224 -4.60 17.27 -25.84
C THR D 224 -5.01 18.42 -26.74
N ALA D 225 -4.30 19.54 -26.64
CA ALA D 225 -4.59 20.69 -27.48
C ALA D 225 -3.96 20.52 -28.86
N ALA D 226 -4.59 21.12 -29.87
CA ALA D 226 -4.12 21.04 -31.23
C ALA D 226 -4.47 22.31 -31.97
N GLY D 227 -3.59 22.70 -32.90
CA GLY D 227 -3.75 23.97 -33.59
C GLY D 227 -4.72 23.89 -34.75
N LEU D 228 -5.25 25.06 -35.12
CA LEU D 228 -6.11 25.21 -36.28
C LEU D 228 -5.40 26.06 -37.32
N PRO D 229 -5.08 25.52 -38.50
CA PRO D 229 -4.29 26.21 -39.52
C PRO D 229 -4.87 27.56 -39.95
#